data_7YZ4
#
_entry.id   7YZ4
#
_cell.length_a   1.00
_cell.length_b   1.00
_cell.length_c   1.00
_cell.angle_alpha   90.00
_cell.angle_beta   90.00
_cell.angle_gamma   90.00
#
_symmetry.space_group_name_H-M   'P 1'
#
_entity_poly.entity_id   1
_entity_poly.type   'polypeptide(L)'
_entity_poly.pdbx_seq_one_letter_code
;MVWSHPQFEKGGGSGGGSGGSAWSHPQFEKGDYPYDVPDYAGTENLYFQGLVDMKSPALQPLSMAGLQLMTPASSPMGPF
FGLPWQQEAIHDNIYTPRKYQVELLEAALDHNTIVCLNTGSGKTFIAVLLTKELAHQIRGDLNPHAKRTVFLVNSANQVA
QQVSAVRTHSDLKVGEYSDLEVNASWTKERWSQEFTKHQVLIMTCYVALTVLKNGYLSLSDINLLVFDECHLAILDHPYR
EIMKLCESCPSCPRILGLTASILNGKCDPEELEEKIQKLERILRSDAETATDLVVLDRYTSQPCEIVVDCGPFTDRSGLY
ERLLMELEAALDFINDCNVAVHSKERDSTLISKQILSDCRAVLVVLGPWCADKVAGMMVRELQKYIKHEQEELHRKFLLF
TDTLLRKIHALCEEYFSPASLDLKYVTPKVMKLLEILRKYKPYERQQFESVEWYNNRNQDNYVSWSDSEDDDDDEEIEEK
EKPETNFPSPFTNILCGIIFVERRYTAVVLNRLIKEAGKQDPELAYISSNFITGHGIGKNQPRSKQMEAEFRKQEEVLRK
FRAHETNLLIATSVVEEGVDIPKCNLVVRFDLPTEYRSYVQSKGRARAPISNYVMLADTDKIKSFEEDLKTYKAIEKILR
NKCSKSADGAEADVHAGVDDEDAFPPYVLRPDDGGPRVTINTAIGHINRYCARLPSDPFTHLAPKCRTRELPDGTFYSTL
YLPINSPLRASIVGPPMDSVRLAERVVALICCEKLHKIGELDEHLMPVGKETVKYEEELDLHDEEETSVPGRPGSTKRRQ
CYPKAIPECLRESYPKPDQPCYLYVIGMVLTTPLPDELNFRRRKLYPPEDTTRCFGILTAKPIPQIPHFPVYTRSGEVTI
SIELKKSGFTLSQQMLELITRLHQYIFSHILRLEKPALEFKPTGAESAYCVLPLNVVNDSGTLDIDFKFMEDIEKSEARI
GIPSTKYSKETPFVFKLEDYQDAVIIPRYRNFDQPHRFYVADVYTDLTPLSKFPSPEYETFAEYYKTKYNLDLTNLNQPL
LDVDHTSSRLNLLTPRHLNQKGKALPLSSAEKRKAKWESLQNKQILVPELCAIHPIPASLWRKAVCLPSILYRLHCLLTA
EELRAQTASDAGVGVRSLPVDFRYPNLDFGWKKSIDSKSFISSCNSSLAESDNYCKHSTTVVPEHAAHQGATRPSLENHD
QMSVNCKRLPAESPAKLQSEVSTDLTAINGLSYNKNLANGSYDLVNRDFCQGNQLNYFKQEIPVQPTTSYPIQNLYNYEN
QPKPSNECPLLSNTYLDGNANTSTSDGSPAVSTMPAMMNAVKALKDRMDSEQSPSVGYSSRTLGPNPGLILQALTLSNAS
DGFNLERLEMLGDSFLKHAITTYLFCTYPDAHEGRLSYMRSKKVSNCNLYRLGKKKGLPSRMVVSIFDPPVNWLPPGYVV
NQDKSNSEKWEKDEMTKDCLLANGKLGEACEEEEDLTWRAPKEEAEDEDDFLEYDQEHIQFIDSMLMGSGAFVRKISLSP
FSASDSAYEWKMPKKASLGSMPFASGLEDFDYSSWDAMCYLDPSKAVEEDDFVVGFWNPSEENCGVDTGKQSISYDLHTE
QCIADKSIADCVAALLGCYLTSCGERAAQLFLCSLGLKVLPVIKRTSREKALDPAQENGSSQQKSLSGSCASPVGPRSSA
GKDLEYGCLKIPPRCMFDHPDAEKTLNHLISGFETFEKKINYRFKNKAYLLQAFTHASYHYNTITDCYQRLEFLGDAILD
YLITKHLYEDPRQHSPGVLTDLRSALVNNTIFASLAVKYDYHKYFKAVSPELFHVIDDFVKFQLEKNEMQGMDSELRRSE
EDEEKEEDIEVPKAMGDIFASLAGAIYMDSGMSLEVVWQVYYPMMQPLIEKFSANVPRSPVRELLEMEPETAKFSPAERT
YDGKVRVTVEVVGKGKFKGVGRSYRIAKSAAARRALRSLKANQPQVPNSGRGENLYFQGASDYKDHDGDYKDHDGSHHHH
HHHH
;
_entity_poly.pdbx_strand_id   A
#
# COMPACT_ATOMS: atom_id res chain seq x y z
N LYS A 99 29.69 5.56 7.77
CA LYS A 99 29.65 7.00 7.57
C LYS A 99 30.90 7.49 6.84
N TYR A 100 31.70 6.57 6.29
CA TYR A 100 32.93 6.96 5.63
C TYR A 100 32.67 7.92 4.47
N GLN A 101 31.68 7.60 3.63
CA GLN A 101 31.39 8.47 2.49
C GLN A 101 30.97 9.86 2.96
N VAL A 102 30.21 9.92 4.05
CA VAL A 102 29.77 11.21 4.58
C VAL A 102 30.96 11.98 5.11
N GLU A 103 31.86 11.31 5.84
CA GLU A 103 33.02 12.01 6.36
C GLU A 103 33.92 12.49 5.23
N LEU A 104 34.02 11.71 4.14
CA LEU A 104 34.77 12.17 2.98
C LEU A 104 34.16 13.44 2.40
N LEU A 105 32.83 13.53 2.43
CA LEU A 105 32.20 14.76 1.93
C LEU A 105 32.45 15.91 2.90
N GLU A 106 32.44 15.63 4.20
CA GLU A 106 32.71 16.66 5.19
C GLU A 106 34.12 17.22 5.00
N ALA A 107 35.10 16.33 4.86
CA ALA A 107 36.47 16.76 4.64
C ALA A 107 36.61 17.52 3.32
N ALA A 108 35.99 17.02 2.25
CA ALA A 108 36.05 17.72 0.97
C ALA A 108 35.48 19.12 1.09
N LEU A 109 34.43 19.28 1.90
CA LEU A 109 33.88 20.60 2.14
C LEU A 109 34.80 21.45 3.00
N ASP A 110 35.66 20.83 3.81
CA ASP A 110 36.53 21.60 4.68
C ASP A 110 37.80 22.07 3.96
N HIS A 111 38.47 21.18 3.25
CA HIS A 111 39.74 21.50 2.62
C HIS A 111 39.94 20.70 1.35
N ASN A 112 40.83 21.20 0.49
CA ASN A 112 41.21 20.52 -0.74
C ASN A 112 41.48 19.04 -0.48
N THR A 113 40.90 18.17 -1.30
CA THR A 113 40.95 16.74 -1.05
C THR A 113 41.09 15.97 -2.36
N ILE A 114 41.89 14.91 -2.32
CA ILE A 114 42.06 14.02 -3.45
C ILE A 114 41.41 12.70 -3.07
N VAL A 115 40.11 12.57 -3.32
CA VAL A 115 39.41 11.35 -2.98
C VAL A 115 39.79 10.25 -3.96
N CYS A 116 39.83 9.01 -3.47
CA CYS A 116 40.24 7.85 -4.27
C CYS A 116 39.12 6.81 -4.29
N LEU A 117 38.11 7.05 -5.12
CA LEU A 117 37.02 6.10 -5.31
C LEU A 117 37.52 4.85 -6.02
N ASN A 118 36.76 3.76 -5.86
CA ASN A 118 37.06 2.50 -6.51
C ASN A 118 36.26 2.28 -7.79
N THR A 119 35.25 3.11 -8.08
CA THR A 119 34.46 2.99 -9.30
C THR A 119 33.96 4.39 -9.67
N GLY A 120 33.66 4.57 -10.97
CA GLY A 120 33.23 5.87 -11.46
C GLY A 120 31.90 6.34 -10.94
N SER A 121 31.05 5.43 -10.46
CA SER A 121 29.76 5.84 -9.92
C SER A 121 29.97 6.78 -8.75
N GLY A 122 30.87 6.41 -7.83
CA GLY A 122 31.16 7.28 -6.71
C GLY A 122 31.78 8.58 -7.18
N LYS A 123 32.54 8.54 -8.27
CA LYS A 123 33.14 9.77 -8.79
C LYS A 123 32.06 10.77 -9.14
N THR A 124 31.08 10.33 -9.96
CA THR A 124 30.01 11.23 -10.33
C THR A 124 29.19 11.64 -9.12
N PHE A 125 29.06 10.74 -8.14
CA PHE A 125 28.28 11.08 -6.95
C PHE A 125 28.92 12.22 -6.19
N ILE A 126 30.21 12.10 -5.88
CA ILE A 126 30.85 13.13 -5.08
C ILE A 126 30.97 14.40 -5.88
N ALA A 127 31.04 14.29 -7.21
CA ALA A 127 31.15 15.48 -8.03
C ALA A 127 29.87 16.29 -7.96
N VAL A 128 28.75 15.70 -8.37
CA VAL A 128 27.49 16.43 -8.36
C VAL A 128 27.16 16.88 -6.93
N LEU A 129 27.41 16.03 -5.94
CA LEU A 129 27.02 16.38 -4.58
C LEU A 129 27.76 17.61 -4.08
N LEU A 130 29.09 17.66 -4.27
CA LEU A 130 29.81 18.86 -3.86
C LEU A 130 29.40 20.06 -4.69
N THR A 131 29.10 19.84 -5.98
CA THR A 131 28.67 20.95 -6.82
C THR A 131 27.37 21.54 -6.29
N LYS A 132 26.43 20.70 -5.87
CA LYS A 132 25.20 21.22 -5.31
C LYS A 132 25.46 21.92 -3.99
N GLU A 133 26.40 21.41 -3.19
CA GLU A 133 26.71 22.07 -1.93
C GLU A 133 27.23 23.48 -2.15
N LEU A 134 28.12 23.66 -3.13
CA LEU A 134 28.63 24.98 -3.47
C LEU A 134 27.78 25.74 -4.47
N ALA A 135 26.63 25.17 -4.86
CA ALA A 135 25.79 25.83 -5.85
C ALA A 135 25.37 27.23 -5.42
N HIS A 136 25.27 27.48 -4.11
CA HIS A 136 24.95 28.83 -3.66
C HIS A 136 26.05 29.80 -4.08
N GLN A 137 27.29 29.33 -4.09
CA GLN A 137 28.40 30.14 -4.55
C GLN A 137 28.42 30.21 -6.07
N ILE A 138 27.88 29.18 -6.73
CA ILE A 138 27.83 29.17 -8.19
C ILE A 138 26.80 30.18 -8.70
N ARG A 139 25.53 29.96 -8.36
CA ARG A 139 24.43 30.78 -8.88
C ARG A 139 24.67 32.25 -8.60
N GLY A 140 24.39 33.08 -9.60
CA GLY A 140 24.56 34.51 -9.47
C GLY A 140 23.88 35.22 -10.62
N ASP A 141 23.74 36.53 -10.47
CA ASP A 141 23.14 37.38 -11.51
C ASP A 141 24.03 38.55 -11.92
N LEU A 142 25.15 38.77 -11.24
CA LEU A 142 26.07 39.86 -11.54
C LEU A 142 27.42 39.25 -11.86
N ASN A 143 28.00 39.67 -12.98
CA ASN A 143 29.27 39.12 -13.46
C ASN A 143 30.34 39.01 -12.37
N PRO A 144 30.64 40.05 -11.58
CA PRO A 144 31.65 39.87 -10.52
C PRO A 144 31.17 39.03 -9.35
N HIS A 145 29.86 38.92 -9.13
CA HIS A 145 29.30 38.19 -8.00
C HIS A 145 28.91 36.76 -8.37
N ALA A 146 29.29 36.28 -9.56
CA ALA A 146 28.94 34.95 -10.03
C ALA A 146 30.21 34.16 -10.36
N LYS A 147 30.31 32.96 -9.80
CA LYS A 147 31.42 32.06 -10.04
C LYS A 147 30.89 30.78 -10.68
N ARG A 148 31.78 30.10 -11.40
CA ARG A 148 31.43 28.92 -12.18
C ARG A 148 32.33 27.75 -11.82
N THR A 149 31.80 26.54 -11.98
CA THR A 149 32.56 25.31 -11.76
C THR A 149 33.02 24.76 -13.08
N VAL A 150 34.22 24.17 -13.10
CA VAL A 150 34.78 23.59 -14.31
C VAL A 150 35.17 22.15 -14.01
N PHE A 151 34.64 21.22 -14.82
CA PHE A 151 34.92 19.80 -14.70
C PHE A 151 35.85 19.42 -15.85
N LEU A 152 37.15 19.61 -15.64
CA LEU A 152 38.09 19.22 -16.67
C LEU A 152 38.02 17.71 -16.88
N VAL A 153 37.74 17.30 -18.12
CA VAL A 153 37.67 15.89 -18.49
C VAL A 153 38.92 15.53 -19.27
N ASN A 154 39.34 14.27 -19.13
CA ASN A 154 40.57 13.82 -19.78
C ASN A 154 40.40 13.71 -21.30
N SER A 155 39.47 12.87 -21.74
CA SER A 155 39.19 12.68 -23.16
C SER A 155 37.86 13.36 -23.50
N ALA A 156 37.40 13.13 -24.73
CA ALA A 156 36.16 13.74 -25.22
C ALA A 156 34.96 12.81 -25.08
N ASN A 157 35.16 11.56 -24.66
CA ASN A 157 34.06 10.62 -24.52
C ASN A 157 33.38 10.72 -23.16
N GLN A 158 34.15 11.00 -22.11
CA GLN A 158 33.61 11.10 -20.76
C GLN A 158 32.97 12.45 -20.47
N VAL A 159 32.85 13.31 -21.48
CA VAL A 159 32.29 14.65 -21.28
C VAL A 159 30.77 14.66 -21.33
N ALA A 160 30.13 13.54 -21.68
CA ALA A 160 28.68 13.47 -21.71
C ALA A 160 28.07 12.82 -20.49
N GLN A 161 28.81 11.94 -19.82
CA GLN A 161 28.26 11.29 -18.63
C GLN A 161 28.08 12.29 -17.50
N GLN A 162 29.06 13.20 -17.33
CA GLN A 162 28.94 14.21 -16.28
C GLN A 162 27.88 15.23 -16.64
N VAL A 163 27.80 15.60 -17.92
CA VAL A 163 26.74 16.48 -18.38
C VAL A 163 25.38 15.90 -17.99
N SER A 164 25.15 14.64 -18.35
CA SER A 164 23.89 14.01 -18.00
C SER A 164 23.64 14.01 -16.50
N ALA A 165 24.66 13.62 -15.72
CA ALA A 165 24.46 13.51 -14.28
C ALA A 165 24.09 14.84 -13.64
N VAL A 166 24.76 15.92 -14.05
CA VAL A 166 24.46 17.22 -13.44
C VAL A 166 23.16 17.78 -13.98
N ARG A 167 22.82 17.49 -15.23
CA ARG A 167 21.55 17.97 -15.77
C ARG A 167 20.38 17.26 -15.11
N THR A 168 20.52 15.97 -14.83
CA THR A 168 19.45 15.20 -14.23
C THR A 168 19.26 15.53 -12.76
N HIS A 169 20.32 15.38 -11.96
CA HIS A 169 20.19 15.54 -10.52
C HIS A 169 20.32 16.97 -10.03
N SER A 170 20.40 17.96 -10.90
CA SER A 170 20.50 19.33 -10.45
C SER A 170 19.83 20.23 -11.48
N ASP A 171 19.43 21.42 -11.02
CA ASP A 171 18.81 22.39 -11.89
C ASP A 171 19.82 23.21 -12.68
N LEU A 172 21.10 23.13 -12.33
CA LEU A 172 22.15 23.86 -13.03
C LEU A 172 22.18 23.51 -14.51
N LYS A 173 22.32 24.53 -15.35
CA LYS A 173 22.50 24.29 -16.78
C LYS A 173 23.97 24.02 -17.07
N VAL A 174 24.24 23.00 -17.88
CA VAL A 174 25.57 22.44 -18.05
C VAL A 174 26.01 22.63 -19.49
N GLY A 175 26.96 23.55 -19.72
CA GLY A 175 27.56 23.68 -21.03
C GLY A 175 28.67 22.65 -21.23
N GLU A 176 28.81 22.19 -22.48
CA GLU A 176 29.82 21.20 -22.84
C GLU A 176 30.63 21.73 -24.02
N TYR A 177 31.95 21.73 -23.88
CA TYR A 177 32.88 22.17 -24.93
C TYR A 177 33.86 21.02 -25.16
N SER A 178 33.45 20.07 -26.01
CA SER A 178 34.21 18.84 -26.23
C SER A 178 34.95 18.81 -27.57
N ASP A 179 34.31 19.25 -28.65
CA ASP A 179 34.97 19.23 -29.96
C ASP A 179 36.19 20.15 -29.92
N LEU A 180 37.37 19.55 -30.12
CA LEU A 180 38.61 20.31 -29.99
C LEU A 180 38.77 21.29 -31.15
N GLU A 181 38.65 20.81 -32.38
CA GLU A 181 38.86 21.69 -33.53
C GLU A 181 37.81 22.79 -33.60
N VAL A 182 36.55 22.46 -33.32
CA VAL A 182 35.50 23.46 -33.44
C VAL A 182 35.68 24.55 -32.39
N ASN A 183 36.16 24.19 -31.21
CA ASN A 183 36.42 25.20 -30.20
C ASN A 183 37.71 25.94 -30.47
N ALA A 184 38.63 25.30 -31.22
CA ALA A 184 39.82 26.00 -31.65
C ALA A 184 39.47 27.07 -32.67
N SER A 185 38.43 26.83 -33.46
CA SER A 185 37.94 27.83 -34.40
C SER A 185 37.18 28.96 -33.73
N TRP A 186 36.85 28.84 -32.45
CA TRP A 186 36.12 29.91 -31.78
C TRP A 186 37.01 31.12 -31.53
N THR A 187 36.36 32.21 -31.12
CA THR A 187 37.03 33.49 -30.93
C THR A 187 36.57 34.14 -29.63
N LYS A 188 37.37 35.11 -29.20
CA LYS A 188 37.18 35.85 -27.95
C LYS A 188 35.73 36.25 -27.67
N GLU A 189 35.01 36.67 -28.71
CA GLU A 189 33.67 37.20 -28.50
C GLU A 189 32.74 36.17 -27.86
N ARG A 190 32.66 34.98 -28.44
CA ARG A 190 31.68 33.99 -28.00
C ARG A 190 32.11 33.24 -26.74
N TRP A 191 33.40 33.20 -26.41
CA TRP A 191 33.81 32.49 -25.20
C TRP A 191 33.14 33.07 -23.97
N SER A 192 33.20 34.39 -23.79
CA SER A 192 32.52 35.00 -22.65
C SER A 192 31.02 34.74 -22.71
N GLN A 193 30.47 34.75 -23.93
CA GLN A 193 29.04 34.51 -24.10
C GLN A 193 28.65 33.14 -23.54
N GLU A 194 29.39 32.11 -23.94
CA GLU A 194 29.10 30.77 -23.48
C GLU A 194 29.36 30.62 -21.99
N PHE A 195 30.47 31.21 -21.50
CA PHE A 195 30.77 31.14 -20.07
C PHE A 195 29.64 31.73 -19.24
N THR A 196 29.07 32.84 -19.68
CA THR A 196 27.95 33.43 -18.97
C THR A 196 26.66 32.65 -19.19
N LYS A 197 26.53 31.97 -20.33
CA LYS A 197 25.34 31.18 -20.63
C LYS A 197 25.26 29.87 -19.88
N HIS A 198 26.24 29.52 -19.05
CA HIS A 198 26.18 28.29 -18.27
C HIS A 198 26.81 28.51 -16.90
N GLN A 199 26.33 27.75 -15.91
CA GLN A 199 26.90 27.76 -14.58
C GLN A 199 27.93 26.66 -14.38
N VAL A 200 27.71 25.50 -14.97
CA VAL A 200 28.62 24.36 -14.89
C VAL A 200 29.21 24.17 -16.28
N LEU A 201 30.54 24.16 -16.35
CA LEU A 201 31.26 24.01 -17.60
C LEU A 201 32.05 22.71 -17.54
N ILE A 202 31.92 21.90 -18.57
CA ILE A 202 32.66 20.65 -18.68
C ILE A 202 33.45 20.73 -19.97
N MET A 203 34.78 20.60 -19.87
CA MET A 203 35.63 20.79 -21.02
C MET A 203 36.89 19.96 -20.93
N THR A 204 37.50 19.74 -22.08
CA THR A 204 38.71 18.96 -22.22
C THR A 204 39.94 19.73 -21.74
N CYS A 205 40.92 18.98 -21.24
CA CYS A 205 42.14 19.60 -20.72
C CYS A 205 42.85 20.38 -21.82
N TYR A 206 42.77 19.91 -23.06
CA TYR A 206 43.38 20.64 -24.16
C TYR A 206 42.66 21.98 -24.33
N VAL A 207 41.34 21.94 -24.47
CA VAL A 207 40.61 23.19 -24.61
C VAL A 207 40.77 23.99 -23.33
N ALA A 208 41.03 23.31 -22.21
CA ALA A 208 41.14 24.01 -20.93
C ALA A 208 42.38 24.90 -20.98
N LEU A 209 43.52 24.30 -21.32
CA LEU A 209 44.74 25.09 -21.33
C LEU A 209 44.62 26.13 -22.43
N THR A 210 43.86 25.82 -23.48
CA THR A 210 43.73 26.76 -24.58
C THR A 210 43.07 28.04 -24.06
N VAL A 211 41.92 27.91 -23.41
CA VAL A 211 41.22 29.07 -22.86
C VAL A 211 42.16 29.79 -21.90
N LEU A 212 42.82 29.02 -21.03
CA LEU A 212 43.67 29.62 -20.00
C LEU A 212 44.71 30.53 -20.65
N LYS A 213 45.39 30.05 -21.70
CA LYS A 213 46.45 30.86 -22.31
C LYS A 213 45.84 32.09 -22.96
N ASN A 214 44.74 31.92 -23.69
CA ASN A 214 44.01 33.07 -24.23
C ASN A 214 43.72 34.06 -23.11
N GLY A 215 43.09 33.59 -22.04
CA GLY A 215 42.87 34.38 -20.87
C GLY A 215 41.46 34.89 -20.69
N TYR A 216 40.45 34.15 -21.16
CA TYR A 216 39.07 34.62 -21.13
C TYR A 216 38.41 34.33 -19.79
N LEU A 217 38.48 33.08 -19.33
CA LEU A 217 37.95 32.69 -18.03
C LEU A 217 39.13 32.53 -17.07
N SER A 218 39.19 33.39 -16.07
CA SER A 218 40.27 33.35 -15.10
C SER A 218 39.98 32.31 -14.01
N LEU A 219 41.05 31.79 -13.43
CA LEU A 219 40.91 30.85 -12.33
C LEU A 219 40.36 31.52 -11.07
N SER A 220 40.43 32.85 -11.00
CA SER A 220 39.86 33.56 -9.87
C SER A 220 38.35 33.41 -9.82
N ASP A 221 37.70 33.37 -10.99
CA ASP A 221 36.25 33.28 -11.05
C ASP A 221 35.77 31.84 -10.89
N ILE A 222 36.61 30.86 -11.24
CA ILE A 222 36.27 29.47 -11.02
C ILE A 222 36.31 29.18 -9.53
N ASN A 223 35.34 28.39 -9.04
CA ASN A 223 35.29 28.01 -7.63
C ASN A 223 35.57 26.54 -7.37
N LEU A 224 35.08 25.64 -8.19
CA LEU A 224 35.35 24.22 -8.10
C LEU A 224 36.08 23.78 -9.35
N LEU A 225 37.29 23.30 -9.18
CA LEU A 225 38.11 22.79 -10.25
C LEU A 225 38.26 21.30 -9.97
N VAL A 226 37.45 20.49 -10.63
CA VAL A 226 37.41 19.05 -10.43
C VAL A 226 38.20 18.40 -11.55
N PHE A 227 39.34 17.82 -11.19
CA PHE A 227 40.23 17.15 -12.13
C PHE A 227 39.84 15.68 -12.24
N ASP A 228 39.21 15.30 -13.32
CA ASP A 228 38.99 13.89 -13.57
C ASP A 228 40.31 13.24 -13.94
N GLU A 229 40.51 12.01 -13.48
CA GLU A 229 41.74 11.25 -13.71
C GLU A 229 42.99 12.09 -13.43
N CYS A 230 43.00 12.76 -12.27
CA CYS A 230 44.10 13.66 -11.95
C CYS A 230 45.44 12.95 -11.75
N HIS A 231 45.48 11.62 -11.77
CA HIS A 231 46.75 10.91 -11.61
C HIS A 231 47.72 11.21 -12.75
N LEU A 232 47.23 11.65 -13.91
CA LEU A 232 48.08 11.97 -15.04
C LEU A 232 48.97 13.18 -14.81
N ALA A 233 48.77 13.93 -13.72
CA ALA A 233 49.61 15.08 -13.41
C ALA A 233 51.04 14.69 -13.04
N ILE A 234 51.35 13.40 -12.93
CA ILE A 234 52.72 12.99 -12.70
C ILE A 234 53.50 13.06 -14.01
N LEU A 235 52.82 12.89 -15.14
CA LEU A 235 53.42 12.92 -16.47
C LEU A 235 53.04 14.24 -17.14
N ASP A 236 53.52 14.43 -18.36
CA ASP A 236 53.35 15.72 -19.05
C ASP A 236 51.96 15.85 -19.67
N HIS A 237 50.93 15.62 -18.87
CA HIS A 237 49.57 15.90 -19.30
C HIS A 237 49.30 17.39 -19.14
N PRO A 238 48.39 17.97 -19.93
CA PRO A 238 48.03 19.38 -19.72
C PRO A 238 47.78 19.76 -18.27
N TYR A 239 47.17 18.86 -17.48
CA TYR A 239 46.81 19.16 -16.10
C TYR A 239 47.95 19.79 -15.31
N ARG A 240 49.20 19.46 -15.65
CA ARG A 240 50.33 20.02 -14.92
C ARG A 240 50.49 21.50 -15.21
N GLU A 241 50.32 21.90 -16.47
CA GLU A 241 50.37 23.32 -16.80
C GLU A 241 49.24 24.07 -16.14
N ILE A 242 48.03 23.51 -16.20
CA ILE A 242 46.88 24.17 -15.58
C ILE A 242 47.13 24.36 -14.09
N MET A 243 47.67 23.33 -13.44
CA MET A 243 47.93 23.45 -12.01
C MET A 243 49.07 24.42 -11.72
N LYS A 244 50.09 24.48 -12.58
CA LYS A 244 51.16 25.43 -12.35
C LYS A 244 50.64 26.85 -12.46
N LEU A 245 49.77 27.09 -13.44
CA LEU A 245 49.14 28.40 -13.56
C LEU A 245 48.33 28.71 -12.32
N CYS A 246 47.60 27.72 -11.81
CA CYS A 246 46.86 27.91 -10.57
C CYS A 246 47.81 28.26 -9.43
N GLU A 247 48.96 27.60 -9.40
CA GLU A 247 49.96 27.89 -8.37
C GLU A 247 50.45 29.32 -8.49
N SER A 248 50.47 29.87 -9.71
CA SER A 248 50.86 31.25 -9.90
C SER A 248 49.73 32.23 -9.59
N CYS A 249 48.55 31.72 -9.21
CA CYS A 249 47.40 32.56 -8.85
C CYS A 249 47.29 32.67 -7.35
N PRO A 250 47.13 33.86 -6.77
CA PRO A 250 47.03 33.93 -5.30
C PRO A 250 45.77 33.27 -4.76
N SER A 251 44.64 33.45 -5.43
CA SER A 251 43.37 32.86 -5.01
C SER A 251 43.05 31.70 -5.94
N CYS A 252 42.83 30.53 -5.36
CA CYS A 252 42.62 29.31 -6.11
C CYS A 252 41.31 28.63 -5.73
N PRO A 253 40.59 28.02 -6.67
CA PRO A 253 39.36 27.31 -6.32
C PRO A 253 39.62 26.11 -5.41
N ARG A 254 38.54 25.58 -4.85
CA ARG A 254 38.58 24.42 -3.97
C ARG A 254 38.80 23.17 -4.82
N ILE A 255 40.07 22.93 -5.16
CA ILE A 255 40.40 21.76 -5.98
C ILE A 255 39.98 20.49 -5.29
N LEU A 256 39.30 19.62 -6.03
CA LEU A 256 38.92 18.29 -5.56
C LEU A 256 39.40 17.29 -6.59
N GLY A 257 40.69 16.96 -6.54
CA GLY A 257 41.19 15.92 -7.42
C GLY A 257 40.42 14.63 -7.22
N LEU A 258 40.07 13.99 -8.33
CA LEU A 258 39.28 12.77 -8.30
C LEU A 258 40.06 11.72 -9.06
N THR A 259 40.25 10.55 -8.46
CA THR A 259 41.12 9.55 -9.08
C THR A 259 40.75 8.14 -8.64
N ALA A 260 41.10 7.18 -9.50
CA ALA A 260 40.88 5.77 -9.23
C ALA A 260 42.03 4.89 -9.72
N SER A 261 43.14 5.48 -10.17
CA SER A 261 44.29 4.73 -10.67
C SER A 261 45.43 4.67 -9.66
N ILE A 262 45.19 5.10 -8.43
CA ILE A 262 46.19 5.06 -7.37
C ILE A 262 46.03 3.75 -6.64
N LEU A 263 47.02 3.36 -5.83
CA LEU A 263 46.93 2.18 -4.96
C LEU A 263 46.77 0.89 -5.78
N ASN A 264 47.45 0.82 -6.92
CA ASN A 264 47.43 -0.36 -7.78
C ASN A 264 48.82 -0.77 -8.25
N GLY A 265 49.89 -0.37 -7.54
CA GLY A 265 51.23 -0.66 -7.95
C GLY A 265 51.86 -1.82 -7.19
N LYS A 266 53.00 -2.29 -7.72
CA LYS A 266 53.70 -3.44 -7.17
C LYS A 266 54.70 -3.07 -6.08
N CYS A 267 55.31 -1.88 -6.16
CA CYS A 267 56.28 -1.39 -5.19
C CYS A 267 55.65 -0.35 -4.27
N ASP A 268 54.34 -0.39 -4.11
CA ASP A 268 53.55 0.55 -3.32
C ASP A 268 54.12 0.91 -1.95
N PRO A 269 54.72 -0.01 -1.17
CA PRO A 269 55.29 0.40 0.12
C PRO A 269 56.20 1.62 0.08
N GLU A 270 56.83 1.87 -1.06
CA GLU A 270 57.64 3.07 -1.27
C GLU A 270 57.07 3.91 -2.41
N GLU A 271 56.79 3.26 -3.54
CA GLU A 271 56.27 3.98 -4.70
C GLU A 271 54.99 4.73 -4.37
N LEU A 272 54.06 4.08 -3.68
CA LEU A 272 52.81 4.77 -3.34
C LEU A 272 53.06 5.95 -2.42
N GLU A 273 54.04 5.84 -1.53
CA GLU A 273 54.37 6.95 -0.66
C GLU A 273 54.82 8.14 -1.48
N GLU A 274 55.76 7.89 -2.40
CA GLU A 274 56.27 8.97 -3.23
C GLU A 274 55.19 9.52 -4.14
N LYS A 275 54.28 8.65 -4.59
CA LYS A 275 53.21 9.08 -5.47
C LYS A 275 52.28 10.06 -4.76
N ILE A 276 51.81 9.69 -3.57
CA ILE A 276 50.91 10.59 -2.84
C ILE A 276 51.65 11.87 -2.49
N GLN A 277 52.90 11.75 -2.04
CA GLN A 277 53.67 12.94 -1.71
C GLN A 277 53.77 13.89 -2.91
N LYS A 278 54.03 13.34 -4.09
CA LYS A 278 54.14 14.17 -5.27
C LYS A 278 52.79 14.78 -5.62
N LEU A 279 51.73 13.98 -5.54
CA LEU A 279 50.40 14.48 -5.87
C LEU A 279 50.02 15.63 -4.96
N GLU A 280 50.29 15.51 -3.66
CA GLU A 280 49.94 16.59 -2.77
C GLU A 280 50.81 17.82 -3.02
N ARG A 281 52.08 17.60 -3.42
CA ARG A 281 52.94 18.74 -3.69
C ARG A 281 52.61 19.44 -5.00
N ILE A 282 51.93 18.78 -5.94
CA ILE A 282 51.54 19.45 -7.19
C ILE A 282 50.13 19.99 -7.05
N LEU A 283 49.17 19.12 -6.73
CA LEU A 283 47.78 19.56 -6.52
C LEU A 283 47.66 20.57 -5.40
N ARG A 284 48.67 20.69 -4.52
CA ARG A 284 48.63 21.62 -3.42
C ARG A 284 47.40 21.34 -2.54
N SER A 285 47.19 20.05 -2.26
CA SER A 285 46.00 19.58 -1.57
C SER A 285 46.36 18.41 -0.67
N ASP A 286 45.38 17.97 0.11
CA ASP A 286 45.53 16.84 1.01
C ASP A 286 45.07 15.57 0.32
N ALA A 287 45.32 14.43 0.97
CA ALA A 287 44.94 13.13 0.43
C ALA A 287 44.11 12.37 1.45
N GLU A 288 42.95 11.90 1.01
CA GLU A 288 42.00 11.19 1.85
C GLU A 288 41.42 10.06 1.01
N THR A 289 41.26 8.88 1.59
CA THR A 289 40.74 7.73 0.87
C THR A 289 39.83 6.93 1.78
N ALA A 290 39.01 6.08 1.14
CA ALA A 290 38.07 5.24 1.87
C ALA A 290 37.69 4.02 1.03
N PRO A 303 37.59 -8.48 11.51
CA PRO A 303 38.18 -9.53 10.68
C PRO A 303 39.69 -9.65 10.87
N CYS A 304 40.19 -10.89 10.85
CA CYS A 304 41.61 -11.17 11.01
C CYS A 304 42.05 -12.17 9.95
N GLU A 305 43.33 -12.08 9.59
CA GLU A 305 43.90 -12.96 8.57
C GLU A 305 44.35 -14.26 9.21
N ILE A 306 43.95 -15.38 8.62
CA ILE A 306 44.31 -16.71 9.13
C ILE A 306 44.89 -17.49 7.95
N VAL A 307 46.22 -17.44 7.81
CA VAL A 307 46.89 -18.26 6.80
C VAL A 307 46.68 -19.73 7.15
N VAL A 308 46.06 -20.46 6.24
CA VAL A 308 45.77 -21.89 6.41
C VAL A 308 46.73 -22.69 5.55
N ASP A 309 47.36 -23.69 6.13
CA ASP A 309 48.35 -24.53 5.46
C ASP A 309 47.72 -25.83 4.97
N CYS A 310 47.93 -26.14 3.69
CA CYS A 310 47.44 -27.36 3.06
C CYS A 310 48.62 -28.27 2.77
N GLY A 311 48.55 -29.51 3.27
CA GLY A 311 49.60 -30.49 3.04
C GLY A 311 49.48 -31.16 1.69
N PRO A 312 50.55 -31.84 1.29
CA PRO A 312 50.55 -32.56 0.00
C PRO A 312 49.74 -33.84 0.05
N PHE A 313 49.27 -34.24 -1.13
CA PHE A 313 48.51 -35.47 -1.30
C PHE A 313 48.69 -35.97 -2.73
N THR A 314 48.84 -37.28 -2.89
CA THR A 314 49.03 -37.88 -4.21
C THR A 314 48.37 -39.25 -4.26
N ASP A 315 47.97 -39.64 -5.47
CA ASP A 315 47.34 -40.94 -5.68
C ASP A 315 48.38 -42.06 -5.59
N ARG A 316 47.98 -43.17 -4.96
CA ARG A 316 48.87 -44.32 -4.83
C ARG A 316 49.21 -44.92 -6.18
N SER A 317 48.24 -44.96 -7.09
CA SER A 317 48.44 -45.60 -8.39
C SER A 317 49.15 -44.71 -9.40
N GLY A 318 49.08 -43.40 -9.25
CA GLY A 318 49.70 -42.48 -10.19
C GLY A 318 48.84 -42.13 -11.39
N LEU A 319 47.52 -42.25 -11.29
CA LEU A 319 46.66 -41.84 -12.38
C LEU A 319 46.83 -40.37 -12.71
N TYR A 320 47.09 -39.55 -11.70
CA TYR A 320 47.20 -38.11 -11.92
C TYR A 320 48.33 -37.77 -12.88
N GLU A 321 49.49 -38.42 -12.73
CA GLU A 321 50.59 -38.16 -13.65
C GLU A 321 50.25 -38.60 -15.06
N ARG A 322 49.45 -39.65 -15.20
CA ARG A 322 49.03 -40.08 -16.53
C ARG A 322 48.20 -39.00 -17.21
N LEU A 323 47.34 -38.33 -16.45
CA LEU A 323 46.51 -37.28 -17.02
C LEU A 323 47.38 -36.17 -17.60
N LEU A 324 48.37 -35.72 -16.83
CA LEU A 324 49.30 -34.72 -17.35
C LEU A 324 49.95 -35.20 -18.64
N MET A 325 50.37 -36.46 -18.68
CA MET A 325 51.06 -36.98 -19.86
C MET A 325 50.18 -36.89 -21.10
N GLU A 326 48.94 -37.38 -21.02
CA GLU A 326 48.07 -37.34 -22.19
C GLU A 326 47.69 -35.90 -22.54
N LEU A 327 47.52 -35.04 -21.54
CA LEU A 327 47.23 -33.64 -21.83
C LEU A 327 48.40 -32.98 -22.55
N GLU A 328 49.63 -33.25 -22.12
CA GLU A 328 50.79 -32.64 -22.76
C GLU A 328 50.96 -33.14 -24.20
N ALA A 329 50.65 -34.41 -24.45
CA ALA A 329 50.75 -34.93 -25.81
C ALA A 329 49.83 -34.18 -26.75
N ALA A 330 48.63 -33.83 -26.28
CA ALA A 330 47.70 -33.07 -27.11
C ALA A 330 48.29 -31.74 -27.52
N LEU A 331 49.03 -31.09 -26.62
CA LEU A 331 49.67 -29.83 -26.96
C LEU A 331 50.60 -29.97 -28.15
N ASP A 332 51.24 -31.14 -28.30
CA ASP A 332 52.05 -31.37 -29.49
C ASP A 332 51.22 -31.19 -30.75
N PHE A 333 50.10 -31.90 -30.83
CA PHE A 333 49.14 -31.68 -31.90
C PHE A 333 48.35 -30.40 -31.64
N SER A 352 38.10 -26.62 -29.77
CA SER A 352 39.12 -27.65 -29.81
C SER A 352 40.18 -27.41 -28.74
N LYS A 353 41.07 -26.44 -28.99
CA LYS A 353 42.08 -26.09 -28.00
C LYS A 353 41.44 -25.52 -26.74
N GLN A 354 40.28 -24.87 -26.88
CA GLN A 354 39.64 -24.26 -25.71
C GLN A 354 39.25 -25.32 -24.69
N ILE A 355 38.66 -26.43 -25.15
CA ILE A 355 38.23 -27.45 -24.21
C ILE A 355 39.43 -28.14 -23.59
N LEU A 356 40.54 -28.25 -24.32
CA LEU A 356 41.75 -28.82 -23.75
C LEU A 356 42.16 -28.05 -22.50
N SER A 357 42.21 -26.72 -22.59
CA SER A 357 42.57 -25.91 -21.44
C SER A 357 41.61 -26.16 -20.29
N ASP A 358 40.31 -26.18 -20.58
CA ASP A 358 39.31 -26.37 -19.53
C ASP A 358 39.54 -27.69 -18.79
N CYS A 359 39.78 -28.78 -19.53
CA CYS A 359 39.94 -30.09 -18.92
C CYS A 359 41.09 -30.11 -17.91
N ARG A 360 42.28 -29.67 -18.33
CA ARG A 360 43.44 -29.76 -17.44
C ARG A 360 43.15 -29.08 -16.10
N ALA A 361 42.62 -27.85 -16.14
CA ALA A 361 42.38 -27.11 -14.90
C ALA A 361 41.48 -27.89 -13.95
N VAL A 362 40.31 -28.33 -14.44
CA VAL A 362 39.37 -29.02 -13.56
C VAL A 362 39.96 -30.31 -13.02
N LEU A 363 40.66 -31.06 -13.87
CA LEU A 363 41.23 -32.33 -13.45
C LEU A 363 42.23 -32.13 -12.31
N VAL A 364 43.03 -31.07 -12.40
CA VAL A 364 44.06 -30.81 -11.40
C VAL A 364 43.44 -30.59 -10.03
N VAL A 365 42.27 -29.95 -9.98
CA VAL A 365 41.70 -29.51 -8.71
C VAL A 365 41.44 -30.63 -7.73
N LEU A 366 41.10 -31.84 -8.19
CA LEU A 366 40.55 -32.81 -7.23
C LEU A 366 40.31 -34.22 -7.80
N GLY A 367 39.63 -35.06 -7.00
CA GLY A 367 39.34 -36.43 -7.34
C GLY A 367 38.61 -36.65 -8.65
N PRO A 368 38.90 -37.76 -9.32
CA PRO A 368 38.39 -37.97 -10.68
C PRO A 368 36.88 -38.08 -10.84
N TRP A 369 36.09 -38.32 -9.79
CA TRP A 369 34.66 -38.51 -10.02
C TRP A 369 33.96 -37.23 -10.45
N CYS A 370 34.16 -36.13 -9.70
CA CYS A 370 33.58 -34.87 -10.15
C CYS A 370 34.18 -34.43 -11.47
N ALA A 371 35.48 -34.68 -11.65
CA ALA A 371 36.13 -34.34 -12.91
C ALA A 371 35.46 -35.07 -14.07
N ASP A 372 35.11 -36.33 -13.87
CA ASP A 372 34.44 -37.09 -14.91
C ASP A 372 33.03 -36.58 -15.13
N LYS A 373 32.36 -36.10 -14.09
CA LYS A 373 31.03 -35.53 -14.29
C LYS A 373 31.12 -34.30 -15.19
N VAL A 374 32.12 -33.45 -14.94
CA VAL A 374 32.34 -32.28 -15.79
C VAL A 374 32.71 -32.72 -17.20
N ALA A 375 33.57 -33.72 -17.32
CA ALA A 375 33.95 -34.20 -18.64
C ALA A 375 32.75 -34.76 -19.39
N GLY A 376 31.82 -35.39 -18.68
CA GLY A 376 30.63 -35.89 -19.31
C GLY A 376 29.79 -34.77 -19.87
N MET A 377 29.58 -33.72 -19.06
CA MET A 377 28.85 -32.57 -19.58
C MET A 377 29.54 -31.97 -20.80
N MET A 378 30.87 -31.92 -20.77
CA MET A 378 31.64 -31.39 -21.89
C MET A 378 31.39 -32.21 -23.16
N VAL A 379 31.49 -33.54 -23.05
CA VAL A 379 31.29 -34.38 -24.24
C VAL A 379 29.85 -34.25 -24.74
N ARG A 380 28.88 -34.26 -23.83
CA ARG A 380 27.48 -34.09 -24.24
C ARG A 380 27.30 -32.81 -25.05
N GLU A 381 27.79 -31.68 -24.53
CA GLU A 381 27.63 -30.43 -25.26
C GLU A 381 28.47 -30.40 -26.52
N LEU A 382 29.59 -31.13 -26.54
CA LEU A 382 30.46 -31.11 -27.71
C LEU A 382 29.85 -31.91 -28.86
N GLN A 383 29.11 -32.98 -28.54
CA GLN A 383 28.43 -33.73 -29.58
C GLN A 383 27.41 -32.84 -30.31
N LYS A 384 26.93 -31.79 -29.64
CA LYS A 384 26.04 -30.82 -30.27
C LYS A 384 26.82 -29.72 -30.99
N TYR A 385 27.87 -29.20 -30.37
CA TYR A 385 28.66 -28.14 -30.99
C TYR A 385 29.30 -28.61 -32.30
N ILE A 386 29.75 -29.86 -32.34
CA ILE A 386 30.29 -30.42 -33.60
C ILE A 386 29.25 -30.31 -34.71
N LYS A 387 28.00 -30.64 -34.38
CA LYS A 387 26.92 -30.54 -35.37
C LYS A 387 26.66 -29.09 -35.73
N HIS A 388 26.72 -28.20 -34.75
CA HIS A 388 26.57 -26.76 -34.99
C HIS A 388 27.81 -26.13 -35.59
N GLU A 389 28.93 -26.85 -35.65
CA GLU A 389 30.16 -26.31 -36.20
C GLU A 389 29.94 -25.86 -37.64
N GLN A 390 30.63 -24.79 -38.03
CA GLN A 390 30.53 -24.22 -39.38
C GLN A 390 31.75 -24.48 -40.25
N GLU A 391 32.90 -24.81 -39.67
CA GLU A 391 34.12 -25.05 -40.43
C GLU A 391 34.44 -26.55 -40.37
N GLU A 392 34.45 -27.19 -41.54
CA GLU A 392 34.66 -28.63 -41.59
C GLU A 392 36.02 -29.02 -41.04
N LEU A 393 37.04 -28.20 -41.28
CA LEU A 393 38.36 -28.46 -40.70
C LEU A 393 38.30 -28.43 -39.18
N HIS A 394 37.66 -27.40 -38.61
CA HIS A 394 37.47 -27.36 -37.17
C HIS A 394 36.63 -28.53 -36.69
N ARG A 395 35.59 -28.88 -37.45
CA ARG A 395 34.79 -30.07 -37.14
C ARG A 395 35.68 -31.31 -37.00
N LYS A 396 36.61 -31.50 -37.95
CA LYS A 396 37.51 -32.65 -37.87
C LYS A 396 38.44 -32.57 -36.67
N PHE A 397 39.00 -31.38 -36.41
CA PHE A 397 39.85 -31.22 -35.24
C PHE A 397 39.06 -31.49 -33.97
N LEU A 398 37.78 -31.15 -33.95
CA LEU A 398 36.94 -31.37 -32.78
C LEU A 398 36.56 -32.83 -32.63
N LEU A 399 36.40 -33.56 -33.74
CA LEU A 399 36.21 -35.01 -33.64
C LEU A 399 37.46 -35.68 -33.08
N PHE A 400 38.63 -35.23 -33.50
CA PHE A 400 39.86 -35.73 -32.90
C PHE A 400 39.95 -35.28 -31.44
N THR A 401 39.35 -34.14 -31.12
CA THR A 401 39.30 -33.70 -29.73
C THR A 401 38.38 -34.61 -28.92
N ASP A 402 37.33 -35.12 -29.53
CA ASP A 402 36.51 -36.13 -28.85
C ASP A 402 37.33 -37.39 -28.61
N THR A 403 38.08 -37.81 -29.62
CA THR A 403 38.94 -38.98 -29.48
C THR A 403 39.95 -38.76 -28.35
N LEU A 404 40.41 -37.53 -28.18
CA LEU A 404 41.32 -37.23 -27.07
C LEU A 404 40.58 -37.20 -25.73
N LEU A 405 39.41 -36.55 -25.70
CA LEU A 405 38.65 -36.39 -24.47
C LEU A 405 38.18 -37.71 -23.91
N ARG A 406 37.85 -38.67 -24.76
CA ARG A 406 37.34 -39.94 -24.26
C ARG A 406 38.37 -40.73 -23.47
N LYS A 407 39.63 -40.28 -23.41
CA LYS A 407 40.60 -40.97 -22.56
C LYS A 407 40.12 -40.99 -21.12
N ILE A 408 39.60 -39.85 -20.63
CA ILE A 408 39.04 -39.82 -19.28
C ILE A 408 37.80 -40.71 -19.23
N HIS A 409 36.99 -40.67 -20.29
CA HIS A 409 35.77 -41.46 -20.36
C HIS A 409 36.08 -42.95 -20.28
N ALA A 410 37.26 -43.35 -20.71
CA ALA A 410 37.69 -44.75 -20.70
C ALA A 410 38.48 -45.12 -19.46
N LEU A 411 39.10 -44.16 -18.77
CA LEU A 411 39.93 -44.46 -17.61
C LEU A 411 39.15 -44.92 -16.37
N CYS A 412 37.82 -45.06 -16.44
CA CYS A 412 37.04 -45.48 -15.28
C CYS A 412 37.59 -46.73 -14.59
N GLU A 413 38.36 -47.56 -15.30
CA GLU A 413 38.97 -48.72 -14.65
C GLU A 413 39.97 -48.33 -13.56
N GLU A 414 40.48 -47.10 -13.57
CA GLU A 414 41.50 -46.68 -12.61
C GLU A 414 40.94 -46.23 -11.25
N TYR A 415 39.63 -46.15 -11.07
CA TYR A 415 39.08 -45.66 -9.81
C TYR A 415 37.80 -46.42 -9.46
N PHE A 416 37.43 -46.34 -8.18
CA PHE A 416 36.35 -47.10 -7.59
C PHE A 416 35.05 -46.28 -7.49
N SER A 417 34.11 -46.77 -6.68
CA SER A 417 32.75 -46.25 -6.57
C SER A 417 32.75 -44.73 -6.38
N PRO A 418 31.92 -43.99 -7.12
CA PRO A 418 31.78 -42.54 -6.87
C PRO A 418 30.62 -42.18 -5.96
N ALA A 419 29.84 -43.17 -5.51
CA ALA A 419 28.74 -42.97 -4.59
C ALA A 419 28.94 -43.70 -3.27
N SER A 420 30.09 -44.37 -3.08
CA SER A 420 30.38 -45.13 -1.87
C SER A 420 31.82 -44.84 -1.45
N LEU A 421 32.12 -43.56 -1.18
CA LEU A 421 33.46 -43.13 -0.79
C LEU A 421 33.66 -43.26 0.71
N ASP A 422 34.91 -43.03 1.14
CA ASP A 422 35.28 -43.05 2.55
C ASP A 422 36.33 -41.98 2.85
N LEU A 423 36.38 -40.91 2.05
CA LEU A 423 37.33 -39.82 2.21
C LEU A 423 38.78 -40.30 2.08
N LYS A 424 38.99 -41.39 1.35
CA LYS A 424 40.34 -41.90 1.15
C LYS A 424 41.01 -41.30 -0.07
N TYR A 425 40.23 -40.86 -1.06
CA TYR A 425 40.76 -40.33 -2.31
C TYR A 425 40.31 -38.90 -2.57
N VAL A 426 39.74 -38.22 -1.56
CA VAL A 426 39.36 -36.83 -1.75
C VAL A 426 40.60 -35.93 -1.76
N THR A 427 40.45 -34.74 -2.34
CA THR A 427 41.54 -33.77 -2.39
C THR A 427 41.71 -33.10 -1.02
N PRO A 428 42.95 -32.85 -0.58
CA PRO A 428 43.14 -32.30 0.78
C PRO A 428 42.47 -30.94 0.99
N LYS A 429 42.24 -30.17 -0.07
CA LYS A 429 41.51 -28.92 0.09
C LYS A 429 40.11 -29.19 0.62
N VAL A 430 39.44 -30.18 0.06
CA VAL A 430 38.12 -30.58 0.55
C VAL A 430 38.22 -31.12 1.95
N MET A 431 39.29 -31.87 2.26
CA MET A 431 39.50 -32.35 3.63
C MET A 431 39.56 -31.18 4.61
N LYS A 432 40.32 -30.13 4.28
CA LYS A 432 40.39 -28.96 5.13
C LYS A 432 39.04 -28.26 5.23
N LEU A 433 38.34 -28.12 4.12
CA LEU A 433 37.00 -27.53 4.14
C LEU A 433 36.08 -28.32 5.08
N LEU A 434 36.10 -29.64 4.96
CA LEU A 434 35.26 -30.49 5.81
C LEU A 434 35.63 -30.35 7.27
N GLU A 435 36.93 -30.31 7.59
CA GLU A 435 37.35 -30.12 8.97
C GLU A 435 36.90 -28.77 9.50
N ILE A 436 36.98 -27.73 8.67
CA ILE A 436 36.52 -26.41 9.10
C ILE A 436 35.01 -26.43 9.34
N LEU A 437 34.26 -27.06 8.44
CA LEU A 437 32.81 -27.14 8.64
C LEU A 437 32.48 -27.91 9.91
N ARG A 438 33.22 -28.97 10.19
CA ARG A 438 32.99 -29.73 11.42
C ARG A 438 33.31 -28.88 12.65
N LYS A 439 34.36 -28.08 12.58
CA LYS A 439 34.69 -27.20 13.69
C LYS A 439 33.60 -26.15 13.89
N TYR A 440 33.05 -25.64 12.80
CA TYR A 440 31.97 -24.65 12.87
C TYR A 440 30.62 -25.33 13.11
N ILE A 498 31.30 -17.14 2.23
CA ILE A 498 31.42 -16.83 0.82
C ILE A 498 32.73 -17.39 0.31
N ILE A 499 32.65 -18.27 -0.68
CA ILE A 499 33.83 -18.89 -1.29
C ILE A 499 33.96 -18.32 -2.70
N PHE A 500 34.97 -17.48 -2.88
CA PHE A 500 35.25 -16.89 -4.19
C PHE A 500 35.98 -17.92 -5.05
N VAL A 501 35.46 -18.17 -6.24
CA VAL A 501 36.01 -19.18 -7.14
C VAL A 501 36.46 -18.48 -8.41
N GLU A 502 37.30 -19.17 -9.18
CA GLU A 502 37.89 -18.64 -10.41
C GLU A 502 37.21 -19.18 -11.67
N ARG A 503 37.03 -20.50 -11.77
CA ARG A 503 36.39 -21.13 -12.92
C ARG A 503 35.07 -21.78 -12.51
N ARG A 504 34.12 -21.76 -13.45
CA ARG A 504 32.79 -22.28 -13.21
C ARG A 504 32.83 -23.74 -12.76
N TYR A 505 33.60 -24.56 -13.47
CA TYR A 505 33.65 -25.99 -13.18
C TYR A 505 34.07 -26.23 -11.74
N THR A 506 35.04 -25.44 -11.23
CA THR A 506 35.48 -25.61 -9.86
C THR A 506 34.33 -25.41 -8.88
N ALA A 507 33.58 -24.32 -9.05
CA ALA A 507 32.44 -24.07 -8.19
C ALA A 507 31.43 -25.21 -8.26
N VAL A 508 31.12 -25.67 -9.47
CA VAL A 508 30.13 -26.74 -9.63
C VAL A 508 30.57 -27.98 -8.88
N VAL A 509 31.80 -28.44 -9.13
CA VAL A 509 32.28 -29.66 -8.48
C VAL A 509 32.33 -29.47 -6.97
N LEU A 510 32.72 -28.28 -6.51
CA LEU A 510 32.79 -28.02 -5.09
C LEU A 510 31.42 -28.16 -4.44
N ASN A 511 30.41 -27.50 -5.01
CA ASN A 511 29.05 -27.61 -4.49
C ASN A 511 28.58 -29.06 -4.49
N ARG A 512 28.82 -29.77 -5.60
CA ARG A 512 28.42 -31.17 -5.71
C ARG A 512 29.04 -32.01 -4.60
N LEU A 513 30.36 -31.90 -4.42
CA LEU A 513 31.00 -32.72 -3.40
C LEU A 513 30.61 -32.26 -2.01
N ILE A 514 30.19 -31.01 -1.84
CA ILE A 514 29.73 -30.56 -0.53
C ILE A 514 28.47 -31.32 -0.15
N LYS A 515 27.47 -31.31 -1.02
CA LYS A 515 26.26 -32.08 -0.69
C LYS A 515 26.56 -33.56 -0.58
N GLU A 516 27.49 -34.06 -1.40
CA GLU A 516 27.84 -35.47 -1.32
C GLU A 516 28.42 -35.83 0.04
N ALA A 517 29.32 -35.00 0.57
CA ALA A 517 29.88 -35.27 1.88
C ALA A 517 28.83 -35.11 2.97
N GLY A 518 27.94 -34.13 2.81
CA GLY A 518 26.84 -33.98 3.75
C GLY A 518 26.00 -35.25 3.85
N LYS A 519 25.83 -35.92 2.72
CA LYS A 519 25.10 -37.19 2.74
C LYS A 519 25.97 -38.30 3.34
N GLN A 520 27.23 -38.37 2.90
CA GLN A 520 28.14 -39.39 3.40
C GLN A 520 28.31 -39.31 4.92
N ASP A 521 28.67 -38.14 5.43
CA ASP A 521 28.83 -37.95 6.87
C ASP A 521 27.61 -37.23 7.43
N PRO A 522 26.89 -37.78 8.41
CA PRO A 522 25.72 -37.08 8.95
C PRO A 522 26.01 -36.10 10.06
N GLU A 523 27.27 -35.92 10.47
CA GLU A 523 27.62 -35.00 11.54
C GLU A 523 27.75 -33.56 11.06
N LEU A 524 27.56 -33.31 9.77
CA LEU A 524 27.65 -31.95 9.21
C LEU A 524 26.26 -31.32 9.17
N ALA A 525 25.68 -31.15 10.36
CA ALA A 525 24.34 -30.58 10.45
C ALA A 525 24.29 -29.18 9.85
N TYR A 526 25.36 -28.41 10.04
CA TYR A 526 25.43 -27.05 9.50
C TYR A 526 25.63 -27.02 7.99
N ILE A 527 25.67 -28.17 7.32
CA ILE A 527 25.93 -28.21 5.88
C ILE A 527 24.66 -27.80 5.13
N SER A 528 24.75 -26.69 4.40
CA SER A 528 23.65 -26.22 3.56
C SER A 528 24.30 -25.40 2.45
N SER A 529 24.41 -25.99 1.26
CA SER A 529 25.11 -25.36 0.15
C SER A 529 24.17 -24.94 -0.98
N ASN A 530 24.69 -24.00 -1.77
CA ASN A 530 24.07 -23.43 -2.96
C ASN A 530 25.22 -22.86 -3.77
N PHE A 531 24.99 -22.60 -5.06
CA PHE A 531 26.06 -22.07 -5.90
C PHE A 531 25.56 -20.93 -6.76
N ILE A 532 26.53 -20.12 -7.21
CA ILE A 532 26.32 -18.92 -8.00
C ILE A 532 27.48 -18.84 -8.99
N THR A 533 27.34 -18.00 -10.01
CA THR A 533 28.37 -17.81 -11.02
C THR A 533 28.15 -16.47 -11.72
N GLU A 550 21.92 -17.44 -23.19
CA GLU A 550 21.05 -16.38 -23.67
C GLU A 550 20.38 -15.75 -22.45
N PHE A 551 19.39 -14.89 -22.66
CA PHE A 551 18.72 -14.23 -21.54
C PHE A 551 18.14 -15.23 -20.56
N ARG A 552 17.63 -16.37 -21.07
CA ARG A 552 16.99 -17.38 -20.24
C ARG A 552 17.85 -17.77 -19.05
N LYS A 553 19.11 -18.14 -19.31
CA LYS A 553 19.98 -18.55 -18.21
C LYS A 553 20.25 -17.39 -17.27
N GLN A 554 20.36 -16.17 -17.82
CA GLN A 554 20.61 -15.02 -16.97
C GLN A 554 19.50 -14.83 -15.95
N GLU A 555 18.23 -15.03 -16.37
CA GLU A 555 17.12 -14.84 -15.44
C GLU A 555 17.25 -15.77 -14.23
N GLU A 556 17.75 -16.99 -14.44
CA GLU A 556 17.89 -17.93 -13.33
C GLU A 556 18.84 -17.44 -12.26
N VAL A 557 19.88 -16.70 -12.67
CA VAL A 557 20.87 -16.22 -11.71
C VAL A 557 20.21 -15.32 -10.67
N LEU A 558 19.24 -14.51 -11.10
CA LEU A 558 18.54 -13.63 -10.17
C LEU A 558 17.79 -14.43 -9.11
N ARG A 559 17.09 -15.48 -9.52
CA ARG A 559 16.38 -16.32 -8.56
C ARG A 559 17.36 -17.03 -7.64
N LYS A 560 18.51 -17.44 -8.19
CA LYS A 560 19.52 -18.09 -7.37
C LYS A 560 20.08 -17.13 -6.33
N PHE A 561 20.20 -15.84 -6.67
CA PHE A 561 20.67 -14.86 -5.71
C PHE A 561 19.64 -14.66 -4.59
N ARG A 562 18.35 -14.68 -4.95
CA ARG A 562 17.30 -14.55 -3.96
C ARG A 562 17.35 -15.64 -2.90
N ALA A 563 18.03 -16.76 -3.18
CA ALA A 563 18.26 -17.82 -2.20
C ALA A 563 19.53 -17.60 -1.39
N HIS A 564 19.95 -16.35 -1.23
CA HIS A 564 21.17 -16.03 -0.49
C HIS A 564 21.10 -16.39 0.99
N GLU A 565 19.94 -16.82 1.50
CA GLU A 565 19.87 -17.23 2.90
C GLU A 565 20.65 -18.51 3.18
N THR A 566 21.00 -19.28 2.16
CA THR A 566 21.85 -20.45 2.35
C THR A 566 23.21 -19.99 2.89
N ASN A 567 23.54 -20.42 4.11
CA ASN A 567 24.73 -19.94 4.79
C ASN A 567 25.99 -20.01 3.93
N LEU A 568 26.19 -21.13 3.24
CA LEU A 568 27.38 -21.35 2.40
C LEU A 568 27.03 -21.03 0.96
N LEU A 569 27.35 -19.82 0.52
CA LEU A 569 27.10 -19.37 -0.85
C LEU A 569 28.39 -19.47 -1.67
N ILE A 570 28.44 -20.45 -2.57
CA ILE A 570 29.57 -20.58 -3.48
C ILE A 570 29.33 -19.65 -4.65
N ALA A 571 30.42 -19.06 -5.16
CA ALA A 571 30.32 -18.13 -6.28
C ALA A 571 31.69 -18.00 -6.93
N THR A 572 31.73 -17.32 -8.08
CA THR A 572 32.96 -17.08 -8.79
C THR A 572 33.56 -15.73 -8.36
N SER A 573 34.69 -15.36 -8.99
CA SER A 573 35.41 -14.15 -8.62
C SER A 573 34.68 -12.87 -8.98
N VAL A 574 33.60 -12.94 -9.77
CA VAL A 574 32.85 -11.73 -10.12
C VAL A 574 31.95 -11.27 -8.98
N VAL A 575 31.88 -12.03 -7.88
CA VAL A 575 31.06 -11.66 -6.73
C VAL A 575 31.75 -10.68 -5.81
N GLU A 576 32.96 -10.21 -6.17
CA GLU A 576 33.70 -9.29 -5.32
C GLU A 576 33.24 -7.84 -5.45
N GLU A 577 32.33 -7.54 -6.37
CA GLU A 577 31.88 -6.17 -6.55
C GLU A 577 30.53 -6.18 -7.25
N GLY A 578 29.62 -5.33 -6.78
CA GLY A 578 28.30 -5.19 -7.36
C GLY A 578 27.18 -5.87 -6.60
N VAL A 579 27.49 -6.67 -5.59
CA VAL A 579 26.48 -7.37 -4.79
C VAL A 579 26.68 -7.03 -3.33
N ASP A 580 25.58 -6.81 -2.63
CA ASP A 580 25.57 -6.46 -1.20
C ASP A 580 25.30 -7.71 -0.37
N ILE A 581 26.19 -8.69 -0.56
CA ILE A 581 26.11 -10.02 0.05
C ILE A 581 25.81 -9.90 1.54
N PRO A 582 24.89 -10.70 2.10
CA PRO A 582 24.61 -10.61 3.53
C PRO A 582 25.83 -10.89 4.38
N LYS A 583 25.72 -10.53 5.65
CA LYS A 583 26.80 -10.74 6.60
C LYS A 583 27.18 -12.21 6.67
N CYS A 584 28.49 -12.48 6.57
CA CYS A 584 29.03 -13.83 6.68
C CYS A 584 30.09 -13.85 7.78
N ASN A 585 30.14 -14.98 8.50
CA ASN A 585 31.05 -15.16 9.61
C ASN A 585 32.23 -16.07 9.31
N LEU A 586 32.25 -16.73 8.15
CA LEU A 586 33.32 -17.68 7.82
C LEU A 586 33.55 -17.63 6.31
N VAL A 587 34.66 -17.03 5.91
CA VAL A 587 35.04 -16.89 4.50
C VAL A 587 36.17 -17.89 4.25
N VAL A 588 35.96 -18.79 3.28
CA VAL A 588 36.94 -19.80 2.89
C VAL A 588 37.35 -19.49 1.46
N ARG A 589 38.65 -19.32 1.25
CA ARG A 589 39.19 -18.96 -0.07
C ARG A 589 40.25 -19.99 -0.46
N PHE A 590 39.86 -20.93 -1.34
CA PHE A 590 40.80 -21.93 -1.83
C PHE A 590 42.03 -21.31 -2.48
N ASP A 591 41.91 -20.10 -3.00
CA ASP A 591 42.99 -19.40 -3.67
C ASP A 591 43.41 -18.19 -2.83
N LEU A 592 44.32 -17.38 -3.36
CA LEU A 592 44.88 -16.22 -2.68
C LEU A 592 44.69 -14.97 -3.53
N PRO A 593 44.70 -13.78 -2.91
CA PRO A 593 44.46 -12.55 -3.67
C PRO A 593 45.69 -12.12 -4.46
N THR A 594 45.61 -12.26 -5.79
CA THR A 594 46.70 -11.85 -6.66
C THR A 594 46.86 -10.33 -6.71
N GLU A 595 45.84 -9.56 -6.33
CA GLU A 595 45.87 -8.11 -6.43
C GLU A 595 45.51 -7.49 -5.09
N TYR A 596 46.19 -6.38 -4.77
CA TYR A 596 45.95 -5.69 -3.50
C TYR A 596 44.48 -5.31 -3.32
N ARG A 597 43.88 -4.70 -4.34
CA ARG A 597 42.48 -4.31 -4.24
C ARG A 597 41.58 -5.50 -4.01
N SER A 598 41.92 -6.66 -4.58
CA SER A 598 41.11 -7.84 -4.36
C SER A 598 41.21 -8.30 -2.92
N TYR A 599 42.43 -8.32 -2.37
CA TYR A 599 42.61 -8.66 -0.97
C TYR A 599 41.77 -7.76 -0.07
N VAL A 600 41.86 -6.45 -0.28
CA VAL A 600 41.13 -5.50 0.55
C VAL A 600 39.63 -5.74 0.44
N GLN A 601 39.09 -5.62 -0.79
CA GLN A 601 37.67 -5.78 -1.01
C GLN A 601 37.14 -7.08 -0.43
N SER A 602 37.89 -8.18 -0.59
CA SER A 602 37.44 -9.46 -0.08
C SER A 602 37.43 -9.45 1.44
N LYS A 603 38.57 -9.17 2.06
CA LYS A 603 38.66 -9.21 3.51
C LYS A 603 37.65 -8.30 4.18
N GLY A 604 37.18 -7.26 3.48
CA GLY A 604 36.16 -6.40 4.05
C GLY A 604 34.87 -7.13 4.39
N ARG A 605 34.44 -8.07 3.52
CA ARG A 605 33.16 -8.74 3.70
C ARG A 605 33.03 -9.49 5.02
N ALA A 606 34.14 -9.85 5.68
CA ALA A 606 34.08 -10.68 6.89
C ALA A 606 33.71 -9.86 8.12
N ARG A 607 32.51 -9.27 8.06
CA ARG A 607 31.99 -8.39 9.11
C ARG A 607 31.25 -9.18 10.17
N ALA A 608 32.01 -9.79 11.08
CA ALA A 608 31.41 -10.50 12.21
C ALA A 608 32.09 -10.08 13.51
N PRO A 609 31.34 -9.90 14.62
CA PRO A 609 31.97 -9.49 15.88
C PRO A 609 33.21 -10.28 16.24
N ILE A 610 33.19 -11.58 15.97
CA ILE A 610 34.33 -12.46 16.13
C ILE A 610 34.46 -13.14 14.77
N SER A 611 35.17 -12.49 13.86
CA SER A 611 35.27 -12.93 12.48
C SER A 611 36.53 -13.76 12.25
N ASN A 612 36.48 -14.57 11.20
CA ASN A 612 37.62 -15.40 10.79
C ASN A 612 37.73 -15.30 9.29
N TYR A 613 38.75 -14.58 8.81
CA TYR A 613 39.04 -14.45 7.38
C TYR A 613 40.24 -15.35 7.10
N VAL A 614 39.96 -16.57 6.66
CA VAL A 614 40.98 -17.58 6.41
C VAL A 614 41.31 -17.61 4.92
N MET A 615 42.50 -18.12 4.60
CA MET A 615 43.03 -18.14 3.24
C MET A 615 43.80 -19.43 3.04
N LEU A 616 43.22 -20.37 2.30
CA LEU A 616 43.86 -21.65 2.07
C LEU A 616 45.03 -21.48 1.10
N ALA A 617 46.15 -22.12 1.45
CA ALA A 617 47.35 -22.07 0.61
C ALA A 617 48.09 -23.39 0.72
N ASP A 618 48.84 -23.72 -0.33
CA ASP A 618 49.71 -24.88 -0.30
C ASP A 618 50.92 -24.60 0.60
N THR A 619 51.45 -25.67 1.19
CA THR A 619 52.56 -25.56 2.13
C THR A 619 53.73 -24.75 1.56
N ASP A 620 54.10 -25.03 0.31
CA ASP A 620 55.22 -24.30 -0.30
C ASP A 620 54.83 -22.86 -0.64
N LYS A 621 53.64 -22.67 -1.19
CA LYS A 621 53.17 -21.33 -1.56
C LYS A 621 53.10 -20.38 -0.38
N ILE A 622 53.04 -20.90 0.85
CA ILE A 622 52.88 -20.06 2.04
C ILE A 622 53.94 -18.97 2.11
N LYS A 623 55.18 -19.27 1.74
CA LYS A 623 56.21 -18.23 1.75
C LYS A 623 55.82 -17.05 0.87
N SER A 624 55.39 -17.34 -0.36
CA SER A 624 54.95 -16.28 -1.27
C SER A 624 53.73 -15.56 -0.71
N PHE A 625 52.78 -16.31 -0.16
CA PHE A 625 51.58 -15.69 0.39
C PHE A 625 51.93 -14.76 1.54
N GLU A 626 52.84 -15.19 2.43
CA GLU A 626 53.30 -14.34 3.52
C GLU A 626 53.90 -13.06 2.98
N GLU A 627 54.83 -13.18 2.04
CA GLU A 627 55.47 -11.98 1.48
C GLU A 627 54.42 -11.03 0.88
N ASP A 628 53.52 -11.56 0.06
CA ASP A 628 52.49 -10.73 -0.57
C ASP A 628 51.60 -10.06 0.46
N LEU A 629 51.15 -10.81 1.46
CA LEU A 629 50.23 -10.24 2.44
C LEU A 629 50.95 -9.24 3.33
N LYS A 630 52.24 -9.43 3.57
CA LYS A 630 52.99 -8.45 4.34
C LYS A 630 53.11 -7.15 3.55
N THR A 631 53.36 -7.25 2.25
CA THR A 631 53.40 -6.06 1.41
C THR A 631 52.04 -5.36 1.44
N TYR A 632 50.97 -6.13 1.29
CA TYR A 632 49.63 -5.55 1.31
C TYR A 632 49.35 -4.90 2.66
N LYS A 633 49.78 -5.53 3.75
CA LYS A 633 49.57 -4.97 5.07
C LYS A 633 50.28 -3.62 5.19
N ALA A 634 51.54 -3.57 4.77
CA ALA A 634 52.26 -2.30 4.77
C ALA A 634 51.51 -1.24 3.98
N ILE A 635 51.02 -1.61 2.79
CA ILE A 635 50.27 -0.69 1.94
C ILE A 635 49.06 -0.14 2.69
N GLU A 636 48.25 -1.04 3.24
CA GLU A 636 47.06 -0.62 3.95
C GLU A 636 47.42 0.26 5.14
N LYS A 637 48.50 -0.08 5.84
CA LYS A 637 48.91 0.68 7.00
C LYS A 637 49.26 2.11 6.61
N ILE A 638 50.10 2.28 5.60
CA ILE A 638 50.48 3.63 5.18
C ILE A 638 49.26 4.38 4.67
N LEU A 639 48.38 3.71 3.92
CA LEU A 639 47.19 4.38 3.41
C LEU A 639 46.33 4.90 4.55
N ARG A 640 46.01 4.04 5.52
CA ARG A 640 45.18 4.44 6.65
C ARG A 640 45.88 5.53 7.46
N ASN A 641 47.21 5.47 7.56
CA ASN A 641 47.93 6.53 8.25
C ASN A 641 47.79 7.86 7.51
N LYS A 642 47.90 7.83 6.19
CA LYS A 642 47.76 9.05 5.41
C LYS A 642 46.37 9.66 5.56
N CYS A 643 45.33 8.81 5.55
CA CYS A 643 43.99 9.34 5.81
C CYS A 643 43.88 9.88 7.23
N SER A 644 44.47 9.18 8.20
CA SER A 644 44.44 9.61 9.59
C SER A 644 45.38 10.79 9.81
N PRO A 665 31.62 10.52 37.97
CA PRO A 665 30.41 10.86 38.70
C PRO A 665 29.15 10.17 38.16
N PRO A 666 29.09 8.82 38.27
CA PRO A 666 27.92 8.09 37.76
C PRO A 666 26.60 8.67 38.24
N TYR A 667 25.73 9.02 37.29
CA TYR A 667 24.48 9.69 37.61
C TYR A 667 23.52 8.73 38.30
N VAL A 668 22.55 9.30 39.02
CA VAL A 668 21.54 8.53 39.74
C VAL A 668 20.30 9.39 39.88
N LEU A 669 19.16 8.89 39.40
CA LEU A 669 17.92 9.65 39.47
C LEU A 669 17.45 9.83 40.92
N ARG A 670 17.43 8.74 41.69
CA ARG A 670 17.01 8.76 43.08
C ARG A 670 17.80 7.71 43.85
N PRO A 671 18.70 8.10 44.76
CA PRO A 671 19.51 7.09 45.48
C PRO A 671 18.72 5.99 46.16
N ASP A 672 17.53 6.28 46.69
CA ASP A 672 16.79 5.24 47.41
C ASP A 672 16.35 4.12 46.48
N ASP A 673 15.58 4.46 45.43
CA ASP A 673 15.16 3.47 44.45
C ASP A 673 15.56 3.92 43.04
N GLY A 674 14.81 4.88 42.49
CA GLY A 674 15.11 5.46 41.19
C GLY A 674 15.33 4.45 40.08
N GLY A 675 16.55 4.44 39.56
CA GLY A 675 16.95 3.53 38.51
C GLY A 675 18.23 2.81 38.89
N PRO A 676 18.57 1.73 38.18
CA PRO A 676 19.81 1.01 38.49
C PRO A 676 21.02 1.93 38.54
N ARG A 677 22.03 1.52 39.31
CA ARG A 677 23.24 2.30 39.46
C ARG A 677 23.96 2.40 38.13
N VAL A 678 24.06 3.62 37.59
CA VAL A 678 24.70 3.86 36.30
C VAL A 678 26.21 3.85 36.54
N THR A 679 26.98 3.77 35.45
CA THR A 679 28.43 3.84 35.51
C THR A 679 28.91 4.79 34.42
N ILE A 680 30.11 5.35 34.62
CA ILE A 680 30.58 6.38 33.71
C ILE A 680 30.89 5.83 32.33
N ASN A 681 31.35 4.59 32.25
CA ASN A 681 31.70 3.99 30.96
C ASN A 681 30.50 3.50 30.14
N THR A 682 29.28 3.58 30.67
CA THR A 682 28.08 3.14 29.94
C THR A 682 27.22 4.29 29.45
N ALA A 683 27.56 5.54 29.79
CA ALA A 683 26.75 6.68 29.36
C ALA A 683 26.73 6.80 27.84
N ILE A 684 27.92 6.78 27.22
CA ILE A 684 28.00 6.83 25.77
C ILE A 684 27.26 5.64 25.16
N GLY A 685 27.33 4.47 25.80
CA GLY A 685 26.55 3.33 25.33
C GLY A 685 25.05 3.58 25.36
N HIS A 686 24.58 4.24 26.42
CA HIS A 686 23.16 4.57 26.50
C HIS A 686 22.76 5.53 25.41
N ILE A 687 23.58 6.55 25.16
CA ILE A 687 23.24 7.51 24.10
C ILE A 687 23.31 6.83 22.73
N ASN A 688 24.22 5.87 22.55
CA ASN A 688 24.29 5.19 21.26
C ASN A 688 23.10 4.27 21.04
N ARG A 689 22.59 3.64 22.10
CA ARG A 689 21.40 2.82 21.90
C ARG A 689 20.15 3.69 21.76
N TYR A 690 20.16 4.89 22.32
CA TYR A 690 19.07 5.81 22.05
C TYR A 690 19.07 6.22 20.59
N CYS A 691 20.26 6.50 20.05
CA CYS A 691 20.35 6.81 18.62
C CYS A 691 19.93 5.63 17.77
N ALA A 692 20.16 4.40 18.25
CA ALA A 692 19.74 3.22 17.50
C ALA A 692 18.23 3.01 17.56
N ARG A 693 17.59 3.43 18.66
CA ARG A 693 16.14 3.28 18.82
C ARG A 693 15.34 4.28 17.98
N LEU A 694 15.95 5.36 17.49
CA LEU A 694 15.26 6.29 16.64
C LEU A 694 14.89 5.61 15.32
N PRO A 695 13.90 6.14 14.60
CA PRO A 695 13.49 5.54 13.33
C PRO A 695 14.37 5.99 12.17
N SER A 696 14.51 5.10 11.19
CA SER A 696 15.32 5.36 10.01
C SER A 696 14.99 4.30 8.96
N ASP A 697 15.34 4.61 7.72
CA ASP A 697 15.13 3.71 6.59
C ASP A 697 16.43 2.99 6.24
N PRO A 698 16.38 2.00 5.35
CA PRO A 698 17.62 1.30 4.96
C PRO A 698 18.63 2.17 4.22
N PHE A 699 18.26 3.37 3.79
CA PHE A 699 19.17 4.27 3.07
C PHE A 699 19.83 5.30 3.98
N THR A 700 19.50 5.33 5.26
CA THR A 700 20.04 6.30 6.20
C THR A 700 20.65 5.58 7.39
N HIS A 701 21.52 6.30 8.10
CA HIS A 701 22.21 5.75 9.27
C HIS A 701 22.36 6.88 10.27
N LEU A 702 21.75 6.73 11.44
CA LEU A 702 21.75 7.74 12.48
C LEU A 702 22.77 7.36 13.56
N ALA A 703 23.80 8.19 13.70
CA ALA A 703 24.82 8.02 14.72
C ALA A 703 25.16 9.39 15.30
N PRO A 704 25.61 9.46 16.55
CA PRO A 704 25.93 10.76 17.14
C PRO A 704 27.20 11.33 16.56
N LYS A 705 27.37 12.64 16.74
CA LYS A 705 28.53 13.37 16.26
C LYS A 705 29.16 14.14 17.40
N CYS A 706 30.47 14.34 17.31
CA CYS A 706 31.19 15.08 18.34
C CYS A 706 32.55 15.47 17.80
N ARG A 707 33.13 16.51 18.41
CA ARG A 707 34.44 17.03 18.00
C ARG A 707 35.16 17.52 19.25
N THR A 708 36.27 16.88 19.61
CA THR A 708 37.04 17.26 20.78
C THR A 708 37.55 18.69 20.65
N ARG A 709 37.01 19.59 21.46
CA ARG A 709 37.38 21.01 21.42
C ARG A 709 38.73 21.22 22.11
N GLU A 710 39.79 20.77 21.43
CA GLU A 710 41.15 20.91 21.93
C GLU A 710 41.43 22.35 22.36
N LEU A 711 42.01 22.51 23.55
CA LEU A 711 42.33 23.81 24.11
C LEU A 711 43.81 23.86 24.51
N PRO A 712 44.48 25.00 24.37
CA PRO A 712 45.90 25.06 24.76
C PRO A 712 46.15 24.69 26.21
N ASP A 713 45.19 24.95 27.11
CA ASP A 713 45.35 24.57 28.51
C ASP A 713 45.42 23.05 28.68
N GLY A 714 44.85 22.29 27.74
CA GLY A 714 44.84 20.84 27.79
C GLY A 714 43.50 20.24 28.19
N THR A 715 42.61 21.05 28.77
CA THR A 715 41.28 20.56 29.15
C THR A 715 40.34 20.85 27.98
N PHE A 716 39.88 19.79 27.32
CA PHE A 716 39.01 19.89 26.16
C PHE A 716 37.67 19.24 26.45
N TYR A 717 36.61 19.87 25.95
CA TYR A 717 35.23 19.39 26.09
C TYR A 717 34.75 18.81 24.77
N SER A 718 33.60 18.13 24.84
CA SER A 718 32.96 17.53 23.68
C SER A 718 31.53 18.05 23.55
N THR A 719 31.04 18.10 22.32
CA THR A 719 29.69 18.59 22.00
C THR A 719 28.96 17.52 21.21
N LEU A 720 27.95 16.90 21.82
CA LEU A 720 27.17 15.87 21.16
C LEU A 720 26.09 16.51 20.30
N TYR A 721 26.20 16.34 18.99
CA TYR A 721 25.14 16.70 18.06
C TYR A 721 24.32 15.45 17.82
N LEU A 722 23.13 15.39 18.40
CA LEU A 722 22.27 14.23 18.26
C LEU A 722 21.67 14.19 16.85
N PRO A 723 21.08 13.07 16.47
CA PRO A 723 20.50 12.96 15.12
C PRO A 723 19.49 14.04 14.83
N ILE A 724 19.21 14.22 13.53
CA ILE A 724 18.32 15.28 13.07
C ILE A 724 16.86 15.01 13.39
N ASN A 725 16.51 13.81 13.86
CA ASN A 725 15.13 13.49 14.20
C ASN A 725 14.81 13.70 15.67
N SER A 726 15.82 13.68 16.55
CA SER A 726 15.54 13.83 17.97
C SER A 726 15.09 15.25 18.28
N PRO A 727 14.41 15.46 19.41
CA PRO A 727 13.97 16.83 19.74
C PRO A 727 15.12 17.76 20.09
N LEU A 728 16.21 17.23 20.66
CA LEU A 728 17.31 18.06 21.13
C LEU A 728 18.13 18.54 19.94
N ARG A 729 17.71 19.64 19.34
CA ARG A 729 18.42 20.24 18.22
C ARG A 729 19.43 21.29 18.66
N ALA A 730 19.97 21.14 19.87
CA ALA A 730 20.94 22.06 20.43
C ALA A 730 22.26 21.34 20.67
N SER A 731 23.33 22.11 20.77
CA SER A 731 24.66 21.56 21.02
C SER A 731 24.78 21.21 22.49
N ILE A 732 24.77 19.91 22.80
CA ILE A 732 24.87 19.45 24.18
C ILE A 732 26.34 19.46 24.58
N VAL A 733 26.83 20.63 24.97
CA VAL A 733 28.22 20.75 25.39
C VAL A 733 28.35 20.34 26.86
N GLY A 734 29.57 19.95 27.23
CA GLY A 734 29.89 19.63 28.60
C GLY A 734 31.11 20.39 29.07
N PRO A 735 31.54 20.18 30.31
CA PRO A 735 32.74 20.84 30.81
C PRO A 735 33.98 20.25 30.16
N PRO A 736 35.13 20.91 30.29
CA PRO A 736 36.37 20.38 29.69
C PRO A 736 37.13 19.47 30.64
N MET A 737 37.69 18.40 30.07
CA MET A 737 38.44 17.41 30.83
C MET A 737 39.78 17.13 30.14
N ASP A 738 40.72 16.62 30.92
CA ASP A 738 42.06 16.34 30.43
C ASP A 738 42.12 15.17 29.46
N SER A 739 41.29 14.15 29.64
CA SER A 739 41.35 12.93 28.84
C SER A 739 40.10 12.75 27.99
N VAL A 740 40.30 12.08 26.85
CA VAL A 740 39.20 11.87 25.90
C VAL A 740 38.07 11.09 26.54
N ARG A 741 38.40 9.94 27.15
CA ARG A 741 37.38 9.10 27.78
C ARG A 741 36.53 9.89 28.77
N LEU A 742 37.18 10.66 29.64
CA LEU A 742 36.44 11.44 30.63
C LEU A 742 35.50 12.43 29.97
N ALA A 743 36.01 13.19 28.99
CA ALA A 743 35.19 14.16 28.28
C ALA A 743 33.97 13.48 27.65
N GLU A 744 34.20 12.41 26.90
CA GLU A 744 33.11 11.72 26.22
C GLU A 744 32.08 11.20 27.20
N ARG A 745 32.52 10.59 28.30
CA ARG A 745 31.55 10.04 29.25
C ARG A 745 30.79 11.13 29.99
N VAL A 746 31.42 12.27 30.25
CA VAL A 746 30.70 13.35 30.93
C VAL A 746 29.69 13.99 30.00
N VAL A 747 30.06 14.20 28.73
CA VAL A 747 29.09 14.78 27.80
C VAL A 747 27.92 13.82 27.58
N ALA A 748 28.21 12.53 27.45
CA ALA A 748 27.12 11.55 27.39
C ALA A 748 26.24 11.61 28.63
N LEU A 749 26.84 11.89 29.79
CA LEU A 749 26.05 11.98 31.01
C LEU A 749 25.09 13.16 30.95
N ILE A 750 25.61 14.35 30.63
CA ILE A 750 24.75 15.52 30.44
C ILE A 750 23.65 15.24 29.43
N CYS A 751 23.98 14.51 28.37
CA CYS A 751 23.00 14.18 27.34
C CYS A 751 21.88 13.31 27.91
N CYS A 752 22.24 12.25 28.65
CA CYS A 752 21.22 11.43 29.29
C CYS A 752 20.36 12.25 30.23
N GLU A 753 20.96 13.23 30.91
CA GLU A 753 20.18 14.06 31.82
C GLU A 753 19.14 14.87 31.06
N LYS A 754 19.58 15.60 30.03
CA LYS A 754 18.65 16.40 29.25
C LYS A 754 17.57 15.53 28.60
N LEU A 755 17.91 14.29 28.25
CA LEU A 755 16.94 13.44 27.59
C LEU A 755 15.90 12.91 28.55
N HIS A 756 16.29 12.60 29.79
CA HIS A 756 15.29 12.16 30.76
C HIS A 756 14.48 13.34 31.29
N LYS A 757 15.00 14.57 31.14
CA LYS A 757 14.27 15.73 31.63
C LYS A 757 13.24 16.19 30.62
N ILE A 758 13.62 16.29 29.35
CA ILE A 758 12.68 16.75 28.33
C ILE A 758 11.62 15.69 28.00
N GLY A 759 11.77 14.47 28.52
CA GLY A 759 10.73 13.46 28.38
C GLY A 759 10.99 12.39 27.34
N GLU A 760 12.21 11.88 27.26
CA GLU A 760 12.57 10.81 26.33
C GLU A 760 13.07 9.58 27.08
N LEU A 761 14.09 9.71 27.91
CA LEU A 761 14.55 8.60 28.73
C LEU A 761 13.56 8.37 29.89
N ASP A 762 13.69 7.22 30.54
CA ASP A 762 12.74 6.78 31.56
C ASP A 762 13.51 6.40 32.81
N GLU A 763 12.76 6.09 33.89
CA GLU A 763 13.38 5.68 35.14
C GLU A 763 14.21 4.42 34.99
N HIS A 764 13.90 3.58 34.00
CA HIS A 764 14.69 2.39 33.70
C HIS A 764 15.92 2.69 32.85
N LEU A 765 16.36 3.95 32.79
CA LEU A 765 17.42 4.40 31.91
C LEU A 765 17.11 4.14 30.44
N MET A 766 15.83 3.96 30.11
CA MET A 766 15.39 3.73 28.74
C MET A 766 14.89 5.04 28.14
N ARG A 792 -11.56 -11.66 17.86
CA ARG A 792 -11.02 -10.41 18.37
C ARG A 792 -12.00 -9.26 18.09
N PRO A 793 -12.09 -8.27 18.98
CA PRO A 793 -13.00 -7.14 18.73
C PRO A 793 -12.74 -6.49 17.38
N GLY A 794 -13.83 -6.10 16.72
CA GLY A 794 -13.77 -5.47 15.42
C GLY A 794 -13.60 -6.43 14.26
N SER A 795 -13.26 -7.69 14.50
CA SER A 795 -13.12 -8.65 13.43
C SER A 795 -14.50 -9.03 12.89
N THR A 796 -14.52 -9.53 11.66
CA THR A 796 -15.77 -9.96 11.05
C THR A 796 -16.30 -11.24 11.67
N LYS A 797 -15.43 -12.04 12.28
CA LYS A 797 -15.87 -13.32 12.84
C LYS A 797 -16.75 -13.13 14.07
N ARG A 798 -16.47 -12.11 14.87
CA ARG A 798 -17.27 -11.87 16.07
C ARG A 798 -18.67 -11.42 15.67
N ARG A 799 -19.68 -12.02 16.29
CA ARG A 799 -21.07 -11.73 16.00
C ARG A 799 -21.88 -11.81 17.28
N GLN A 800 -22.86 -10.92 17.41
CA GLN A 800 -23.73 -10.90 18.58
C GLN A 800 -25.13 -10.49 18.15
N CYS A 801 -26.10 -10.78 19.02
CA CYS A 801 -27.49 -10.46 18.79
C CYS A 801 -27.89 -9.34 19.74
N TYR A 802 -28.27 -8.19 19.17
CA TYR A 802 -28.66 -7.01 19.92
C TYR A 802 -30.18 -6.79 19.85
N PRO A 803 -30.74 -6.01 20.77
CA PRO A 803 -32.17 -5.68 20.69
C PRO A 803 -32.45 -4.59 19.66
N LYS A 804 -33.58 -4.73 18.98
CA LYS A 804 -34.01 -3.70 18.05
C LYS A 804 -34.44 -2.46 18.81
N ALA A 805 -34.51 -1.33 18.10
CA ALA A 805 -34.79 -0.03 18.71
C ALA A 805 -36.08 0.55 18.15
N ILE A 806 -37.21 0.17 18.74
CA ILE A 806 -38.49 0.78 18.40
C ILE A 806 -38.39 2.23 18.87
N PRO A 807 -38.49 3.23 17.98
CA PRO A 807 -38.25 4.62 18.40
C PRO A 807 -39.01 5.02 19.65
N GLU A 808 -38.48 5.99 20.37
CA GLU A 808 -39.09 6.45 21.62
C GLU A 808 -40.15 7.51 21.37
N CYS A 809 -41.01 7.25 20.39
CA CYS A 809 -42.16 8.09 20.08
C CYS A 809 -43.40 7.27 19.81
N LEU A 810 -43.32 5.93 19.86
CA LEU A 810 -44.44 5.04 19.61
C LEU A 810 -44.70 4.13 20.81
N ARG A 811 -44.04 4.37 21.94
CA ARG A 811 -44.20 3.55 23.14
C ARG A 811 -45.36 4.09 23.97
N GLU A 812 -46.34 3.22 24.23
CA GLU A 812 -47.51 3.57 25.01
C GLU A 812 -48.25 4.76 24.42
N SER A 813 -48.40 4.76 23.10
CA SER A 813 -49.12 5.80 22.37
C SER A 813 -50.52 5.33 21.98
N TYR A 814 -51.05 4.35 22.68
CA TYR A 814 -52.38 3.82 22.38
C TYR A 814 -53.44 4.86 22.70
N PRO A 815 -54.24 5.32 21.73
CA PRO A 815 -55.30 6.29 22.03
C PRO A 815 -56.14 5.89 23.24
N LYS A 816 -56.29 6.82 24.17
CA LYS A 816 -57.05 6.64 25.40
C LYS A 816 -58.23 7.61 25.44
N PRO A 817 -59.32 7.25 26.12
CA PRO A 817 -60.49 8.13 26.10
C PRO A 817 -60.30 9.44 26.84
N ASP A 818 -59.53 9.47 27.93
CA ASP A 818 -59.36 10.65 28.76
C ASP A 818 -58.17 11.51 28.37
N GLN A 819 -57.51 11.23 27.24
CA GLN A 819 -56.35 11.99 26.80
C GLN A 819 -56.47 12.39 25.34
N PRO A 820 -56.04 13.60 24.97
CA PRO A 820 -56.11 14.02 23.56
C PRO A 820 -55.36 13.07 22.64
N CYS A 821 -55.75 13.08 21.36
CA CYS A 821 -55.14 12.23 20.35
C CYS A 821 -54.92 13.05 19.08
N TYR A 822 -53.89 12.66 18.32
CA TYR A 822 -53.54 13.30 17.06
C TYR A 822 -53.89 12.37 15.90
N LEU A 823 -54.56 12.92 14.89
CA LEU A 823 -54.91 12.18 13.68
C LEU A 823 -53.95 12.55 12.55
N TYR A 824 -53.56 11.55 11.76
CA TYR A 824 -52.61 11.73 10.67
C TYR A 824 -53.06 10.91 9.47
N VAL A 825 -53.32 11.57 8.36
CA VAL A 825 -53.70 10.88 7.13
C VAL A 825 -52.43 10.34 6.45
N ILE A 826 -52.57 9.20 5.79
CA ILE A 826 -51.49 8.61 4.98
C ILE A 826 -51.75 9.02 3.54
N GLY A 827 -51.23 10.19 3.17
CA GLY A 827 -51.42 10.67 1.82
C GLY A 827 -50.67 9.82 0.81
N MET A 828 -51.30 9.59 -0.35
CA MET A 828 -50.71 8.79 -1.41
C MET A 828 -51.02 9.43 -2.75
N VAL A 829 -50.01 9.48 -3.63
CA VAL A 829 -50.16 9.99 -4.98
C VAL A 829 -49.26 9.17 -5.90
N LEU A 830 -49.81 8.66 -6.99
CA LEU A 830 -49.06 7.88 -7.99
C LEU A 830 -48.30 8.85 -8.89
N THR A 831 -46.98 8.95 -8.67
CA THR A 831 -46.14 9.90 -9.37
C THR A 831 -45.27 9.29 -10.47
N THR A 832 -45.46 8.01 -10.81
CA THR A 832 -44.67 7.40 -11.87
C THR A 832 -45.34 6.15 -12.42
N PRO A 833 -46.32 6.28 -13.31
CA PRO A 833 -46.98 5.09 -13.85
C PRO A 833 -46.01 4.21 -14.63
N LEU A 834 -46.31 2.91 -14.64
CA LEU A 834 -45.45 1.96 -15.34
C LEU A 834 -45.35 2.32 -16.82
N PRO A 835 -44.16 2.26 -17.42
CA PRO A 835 -44.08 2.47 -18.88
C PRO A 835 -44.83 1.37 -19.61
N ASP A 836 -45.71 1.77 -20.54
CA ASP A 836 -46.48 0.82 -21.32
C ASP A 836 -45.60 -0.23 -21.97
N GLU A 837 -44.40 0.17 -22.43
CA GLU A 837 -43.47 -0.78 -23.01
C GLU A 837 -43.10 -1.88 -22.02
N LEU A 838 -43.12 -1.59 -20.73
CA LEU A 838 -42.84 -2.57 -19.69
C LEU A 838 -44.09 -3.18 -19.09
N ASN A 839 -45.27 -2.86 -19.63
CA ASN A 839 -46.53 -3.41 -19.15
C ASN A 839 -46.75 -4.79 -19.77
N PHE A 840 -45.90 -5.73 -19.36
CA PHE A 840 -46.02 -7.10 -19.85
C PHE A 840 -47.35 -7.74 -19.47
N ARG A 841 -48.04 -7.20 -18.46
CA ARG A 841 -49.35 -7.69 -18.09
C ARG A 841 -50.45 -7.17 -19.01
N ARG A 842 -50.18 -6.07 -19.74
CA ARG A 842 -51.14 -5.49 -20.68
C ARG A 842 -52.49 -5.22 -19.99
N ARG A 843 -52.42 -4.70 -18.77
CA ARG A 843 -53.61 -4.36 -17.99
C ARG A 843 -53.48 -2.92 -17.53
N LYS A 844 -54.60 -2.20 -17.50
CA LYS A 844 -54.58 -0.81 -17.11
C LYS A 844 -54.24 -0.66 -15.62
N LEU A 845 -53.84 0.56 -15.27
CA LEU A 845 -53.39 0.92 -13.93
C LEU A 845 -54.52 1.52 -13.10
N TYR A 846 -54.46 1.26 -11.78
CA TYR A 846 -55.46 1.76 -10.83
C TYR A 846 -54.83 2.89 -10.01
N PRO A 847 -55.19 4.16 -10.21
CA PRO A 847 -54.60 5.22 -9.39
C PRO A 847 -55.18 5.23 -8.00
N PRO A 848 -54.34 5.15 -6.95
CA PRO A 848 -54.90 5.14 -5.58
C PRO A 848 -55.43 6.49 -5.13
N GLU A 849 -54.78 7.58 -5.54
CA GLU A 849 -55.19 8.91 -5.10
C GLU A 849 -56.65 9.19 -5.39
N ASP A 850 -57.18 8.66 -6.48
CA ASP A 850 -58.56 8.91 -6.87
C ASP A 850 -59.55 8.03 -6.09
N THR A 851 -59.43 7.99 -4.76
CA THR A 851 -60.28 7.17 -3.92
C THR A 851 -60.54 7.91 -2.63
N THR A 852 -61.79 8.33 -2.43
CA THR A 852 -62.20 9.07 -1.23
C THR A 852 -61.79 8.38 0.07
N ARG A 853 -61.60 7.07 0.07
CA ARG A 853 -61.29 6.33 1.28
C ARG A 853 -59.80 6.01 1.34
N CYS A 854 -59.19 6.30 2.48
CA CYS A 854 -57.76 6.07 2.68
C CYS A 854 -57.58 5.55 4.11
N PHE A 855 -56.35 5.59 4.60
CA PHE A 855 -56.00 5.15 5.95
C PHE A 855 -55.26 6.27 6.66
N GLY A 856 -55.34 6.23 7.99
CA GLY A 856 -54.65 7.19 8.84
C GLY A 856 -54.22 6.53 10.12
N ILE A 857 -53.37 7.23 10.86
CA ILE A 857 -52.85 6.75 12.14
C ILE A 857 -53.39 7.67 13.23
N LEU A 858 -54.14 7.09 14.16
CA LEU A 858 -54.65 7.80 15.33
C LEU A 858 -53.60 7.67 16.43
N THR A 859 -52.64 8.59 16.44
CA THR A 859 -51.51 8.55 17.36
C THR A 859 -51.79 9.45 18.55
N ALA A 860 -51.80 8.87 19.75
CA ALA A 860 -52.00 9.66 20.96
C ALA A 860 -50.85 10.64 21.17
N LYS A 861 -49.63 10.12 21.27
CA LYS A 861 -48.45 10.95 21.46
C LYS A 861 -47.96 11.48 20.12
N PRO A 862 -47.76 12.79 19.96
CA PRO A 862 -47.30 13.28 18.66
C PRO A 862 -45.94 12.72 18.30
N ILE A 863 -45.73 12.54 16.99
CA ILE A 863 -44.52 11.92 16.45
C ILE A 863 -43.78 12.96 15.61
N PRO A 864 -42.45 13.08 15.70
CA PRO A 864 -41.75 14.07 14.87
C PRO A 864 -41.95 13.81 13.39
N GLN A 865 -42.08 14.90 12.64
CA GLN A 865 -42.30 14.82 11.20
C GLN A 865 -41.15 14.08 10.52
N ILE A 866 -41.48 13.36 9.45
CA ILE A 866 -40.51 12.58 8.68
C ILE A 866 -40.72 12.88 7.20
N PRO A 867 -39.71 12.62 6.37
CA PRO A 867 -39.84 12.91 4.93
C PRO A 867 -40.70 11.90 4.19
N HIS A 868 -41.33 12.37 3.13
CA HIS A 868 -42.11 11.51 2.25
C HIS A 868 -41.18 10.55 1.51
N PHE A 869 -41.62 9.32 1.33
CA PHE A 869 -40.81 8.27 0.71
C PHE A 869 -41.62 7.50 -0.31
N PRO A 870 -40.95 6.80 -1.26
CA PRO A 870 -41.67 6.13 -2.34
C PRO A 870 -41.88 4.64 -2.12
N VAL A 871 -43.07 4.14 -2.43
CA VAL A 871 -43.38 2.71 -2.40
C VAL A 871 -43.73 2.30 -3.82
N TYR A 872 -43.09 1.24 -4.31
CA TYR A 872 -43.28 0.78 -5.69
C TYR A 872 -44.39 -0.26 -5.75
N THR A 873 -45.57 0.17 -6.21
CA THR A 873 -46.75 -0.68 -6.28
C THR A 873 -46.99 -1.16 -7.70
N ARG A 874 -48.05 -1.96 -7.87
CA ARG A 874 -48.38 -2.50 -9.18
C ARG A 874 -48.65 -1.40 -10.21
N SER A 875 -49.16 -0.24 -9.76
CA SER A 875 -49.36 0.89 -10.64
C SER A 875 -48.10 1.73 -10.83
N GLY A 876 -47.04 1.45 -10.07
CA GLY A 876 -45.78 2.15 -10.18
C GLY A 876 -45.26 2.66 -8.85
N GLU A 877 -45.02 3.96 -8.75
CA GLU A 877 -44.43 4.58 -7.56
C GLU A 877 -45.45 5.50 -6.89
N VAL A 878 -45.65 5.32 -5.60
CA VAL A 878 -46.59 6.12 -4.81
C VAL A 878 -45.79 6.86 -3.74
N THR A 879 -45.88 8.19 -3.74
CA THR A 879 -45.18 9.03 -2.77
C THR A 879 -46.04 9.15 -1.51
N ILE A 880 -45.64 8.42 -0.45
CA ILE A 880 -46.35 8.43 0.82
C ILE A 880 -45.92 9.65 1.64
N SER A 881 -46.83 10.18 2.44
CA SER A 881 -46.53 11.30 3.31
C SER A 881 -47.49 11.31 4.48
N ILE A 882 -46.95 11.23 5.70
CA ILE A 882 -47.76 11.28 6.92
C ILE A 882 -48.01 12.74 7.25
N GLU A 883 -49.27 13.18 7.15
CA GLU A 883 -49.63 14.58 7.39
C GLU A 883 -50.74 14.67 8.41
N LEU A 884 -50.71 15.73 9.22
CA LEU A 884 -51.67 15.95 10.28
C LEU A 884 -52.96 16.55 9.73
N LYS A 885 -54.10 16.01 10.19
CA LYS A 885 -55.42 16.50 9.81
C LYS A 885 -56.16 17.15 10.97
N LYS A 886 -56.36 16.43 12.07
CA LYS A 886 -57.05 16.96 13.25
C LYS A 886 -56.29 16.57 14.51
N SER A 887 -56.74 17.12 15.63
CA SER A 887 -56.11 16.88 16.93
C SER A 887 -57.09 17.27 18.03
N GLY A 888 -56.73 16.90 19.25
CA GLY A 888 -57.53 17.23 20.42
C GLY A 888 -58.96 16.73 20.44
N PHE A 889 -59.17 15.46 20.11
CA PHE A 889 -60.49 14.84 20.16
C PHE A 889 -60.39 13.50 20.87
N THR A 890 -61.35 13.24 21.76
CA THR A 890 -61.45 11.99 22.50
C THR A 890 -62.46 11.05 21.87
N LEU A 891 -62.41 9.78 22.31
CA LEU A 891 -63.28 8.72 21.82
C LEU A 891 -63.81 7.91 23.00
N SER A 892 -64.85 7.12 22.72
CA SER A 892 -65.50 6.31 23.75
C SER A 892 -64.79 4.97 23.92
N GLN A 893 -65.04 4.35 25.08
CA GLN A 893 -64.46 3.04 25.38
C GLN A 893 -64.88 2.01 24.34
N GLN A 894 -66.17 1.96 24.02
CA GLN A 894 -66.64 1.01 23.03
C GLN A 894 -66.13 1.37 21.64
N MET A 895 -65.92 2.66 21.38
CA MET A 895 -65.35 3.06 20.11
C MET A 895 -63.92 2.56 20.00
N LEU A 896 -63.13 2.71 21.06
CA LEU A 896 -61.78 2.18 21.05
C LEU A 896 -61.77 0.66 20.95
N GLU A 897 -62.78 -0.01 21.52
CA GLU A 897 -62.89 -1.45 21.35
C GLU A 897 -63.09 -1.80 19.88
N LEU A 898 -64.04 -1.12 19.23
CA LEU A 898 -64.26 -1.32 17.79
C LEU A 898 -62.98 -1.08 17.02
N ILE A 899 -62.28 0.01 17.35
CA ILE A 899 -61.01 0.35 16.71
C ILE A 899 -60.02 -0.79 16.83
N THR A 900 -59.84 -1.32 18.03
CA THR A 900 -58.87 -2.41 18.23
C THR A 900 -59.26 -3.66 17.46
N ARG A 901 -60.54 -4.04 17.48
CA ARG A 901 -60.93 -5.25 16.76
C ARG A 901 -60.72 -5.08 15.25
N LEU A 902 -60.97 -3.88 14.72
CA LEU A 902 -60.72 -3.66 13.30
C LEU A 902 -59.23 -3.62 13.00
N HIS A 903 -58.45 -3.06 13.93
CA HIS A 903 -57.01 -2.98 13.74
C HIS A 903 -56.39 -4.38 13.70
N GLN A 904 -56.89 -5.30 14.52
CA GLN A 904 -56.40 -6.68 14.42
C GLN A 904 -56.96 -7.37 13.18
N TYR A 905 -58.17 -6.99 12.76
CA TYR A 905 -58.73 -7.56 11.54
C TYR A 905 -57.86 -7.26 10.34
N ILE A 906 -57.34 -6.03 10.26
CA ILE A 906 -56.53 -5.62 9.10
C ILE A 906 -55.29 -6.50 8.96
N PHE A 907 -54.66 -6.88 10.08
CA PHE A 907 -53.44 -7.66 10.05
C PHE A 907 -53.65 -9.13 10.39
N SER A 908 -54.90 -9.59 10.45
CA SER A 908 -55.18 -11.00 10.70
C SER A 908 -56.11 -11.65 9.68
N HIS A 909 -56.93 -10.88 8.97
CA HIS A 909 -57.82 -11.43 7.96
C HIS A 909 -57.60 -10.89 6.56
N ILE A 910 -57.17 -9.64 6.41
CA ILE A 910 -56.96 -9.06 5.09
C ILE A 910 -55.58 -9.42 4.58
N LEU A 911 -54.54 -8.93 5.25
CA LEU A 911 -53.17 -9.18 4.81
C LEU A 911 -52.63 -10.52 5.29
N ARG A 912 -53.34 -11.21 6.19
CA ARG A 912 -52.93 -12.51 6.68
C ARG A 912 -51.53 -12.46 7.29
N LEU A 913 -51.33 -11.51 8.21
CA LEU A 913 -50.06 -11.36 8.93
C LEU A 913 -50.22 -11.80 10.38
N GLU A 914 -50.96 -12.88 10.60
CA GLU A 914 -51.18 -13.44 11.93
C GLU A 914 -50.39 -14.74 12.05
N LYS A 915 -49.07 -14.61 12.21
CA LYS A 915 -48.25 -15.77 12.41
C LYS A 915 -48.57 -16.38 13.78
N PRO A 916 -48.57 -17.71 13.91
CA PRO A 916 -48.91 -18.31 15.22
C PRO A 916 -48.00 -17.85 16.34
N ALA A 917 -46.75 -17.46 16.02
CA ALA A 917 -45.83 -16.98 17.04
C ALA A 917 -46.36 -15.76 17.77
N LEU A 918 -47.21 -14.95 17.13
CA LEU A 918 -47.70 -13.71 17.71
C LEU A 918 -49.07 -13.89 18.35
N GLU A 919 -49.43 -12.90 19.16
CA GLU A 919 -50.72 -12.85 19.84
C GLU A 919 -51.04 -11.40 20.12
N PHE A 920 -52.22 -10.96 19.66
CA PHE A 920 -52.61 -9.56 19.83
C PHE A 920 -52.50 -9.14 21.29
N LYS A 921 -51.97 -7.94 21.51
CA LYS A 921 -51.71 -7.39 22.82
C LYS A 921 -51.39 -5.90 22.67
N PRO A 922 -52.39 -5.04 22.43
CA PRO A 922 -52.11 -3.60 22.34
C PRO A 922 -51.48 -3.07 23.62
N THR A 923 -52.20 -3.22 24.74
CA THR A 923 -51.71 -2.74 26.02
C THR A 923 -50.41 -3.43 26.46
N GLY A 924 -50.07 -4.57 25.85
CA GLY A 924 -48.91 -5.34 26.25
C GLY A 924 -47.68 -5.18 25.39
N ALA A 925 -47.80 -4.54 24.23
CA ALA A 925 -46.71 -4.50 23.28
C ALA A 925 -45.78 -3.33 23.56
N GLU A 926 -44.67 -3.29 22.82
CA GLU A 926 -43.77 -2.13 22.85
C GLU A 926 -44.43 -0.91 22.22
N SER A 927 -45.04 -1.09 21.05
CA SER A 927 -45.79 -0.04 20.37
C SER A 927 -47.26 -0.44 20.27
N ALA A 928 -48.15 0.56 20.31
CA ALA A 928 -49.58 0.28 20.33
C ALA A 928 -50.41 1.33 19.59
N TYR A 929 -49.84 2.02 18.60
CA TYR A 929 -50.66 2.96 17.85
C TYR A 929 -51.69 2.21 17.02
N CYS A 930 -52.75 2.91 16.62
CA CYS A 930 -53.85 2.33 15.86
C CYS A 930 -53.95 2.96 14.47
N VAL A 931 -54.36 2.12 13.51
CA VAL A 931 -54.53 2.50 12.11
C VAL A 931 -56.01 2.41 11.78
N LEU A 932 -56.57 3.49 11.26
CA LEU A 932 -58.00 3.57 10.98
C LEU A 932 -58.27 4.21 9.62
N PRO A 933 -59.34 3.78 8.93
CA PRO A 933 -59.68 4.41 7.65
C PRO A 933 -60.14 5.84 7.83
N LEU A 934 -60.08 6.60 6.74
CA LEU A 934 -60.52 7.99 6.73
C LEU A 934 -61.28 8.25 5.44
N ASN A 935 -62.55 8.61 5.58
CA ASN A 935 -63.43 8.88 4.45
C ASN A 935 -63.82 10.35 4.45
N VAL A 936 -63.59 11.01 3.30
CA VAL A 936 -64.01 12.41 3.16
C VAL A 936 -65.51 12.51 3.39
N VAL A 937 -65.90 13.38 4.30
CA VAL A 937 -67.32 13.62 4.59
C VAL A 937 -67.70 15.01 4.10
N LEU A 943 -61.62 15.13 6.57
CA LEU A 943 -61.64 13.68 6.74
C LEU A 943 -62.22 13.31 8.10
N ASP A 944 -62.77 12.10 8.19
CA ASP A 944 -63.34 11.59 9.42
C ASP A 944 -63.09 10.08 9.48
N ILE A 945 -63.13 9.55 10.70
CA ILE A 945 -62.87 8.13 10.93
C ILE A 945 -63.87 7.25 10.17
N ASP A 946 -65.03 7.81 9.79
CA ASP A 946 -66.08 7.05 9.11
C ASP A 946 -66.48 5.82 9.93
N PHE A 947 -66.98 6.10 11.13
CA PHE A 947 -67.41 5.03 12.04
C PHE A 947 -68.50 4.17 11.41
N LYS A 948 -69.36 4.78 10.59
CA LYS A 948 -70.42 4.03 9.92
C LYS A 948 -69.84 2.92 9.06
N PHE A 949 -68.78 3.22 8.31
CA PHE A 949 -68.14 2.19 7.50
C PHE A 949 -67.64 1.05 8.36
N MET A 950 -67.01 1.36 9.50
CA MET A 950 -66.55 0.31 10.40
C MET A 950 -67.70 -0.57 10.87
N GLU A 951 -68.84 0.05 11.19
CA GLU A 951 -69.99 -0.74 11.63
C GLU A 951 -70.56 -1.57 10.49
N ASP A 952 -70.54 -1.03 9.27
CA ASP A 952 -71.00 -1.79 8.11
C ASP A 952 -70.14 -3.02 7.89
N ILE A 953 -68.81 -2.87 8.05
CA ILE A 953 -67.91 -4.00 7.88
C ILE A 953 -67.90 -4.91 9.10
N GLU A 954 -68.50 -4.49 10.21
CA GLU A 954 -68.54 -5.32 11.41
C GLU A 954 -69.82 -6.15 11.47
N LYS A 955 -70.98 -5.54 11.17
CA LYS A 955 -72.23 -6.29 11.18
C LYS A 955 -72.28 -7.36 10.10
N SER A 956 -71.44 -7.26 9.07
CA SER A 956 -71.45 -8.21 7.97
C SER A 956 -71.30 -9.64 8.48
N GLU A 957 -72.06 -10.55 7.86
CA GLU A 957 -72.05 -11.96 8.21
C GLU A 957 -70.97 -12.74 7.47
N ALA A 958 -70.14 -12.06 6.67
CA ALA A 958 -69.05 -12.69 5.93
C ALA A 958 -67.69 -12.39 6.54
N ARG A 959 -67.66 -11.71 7.69
CA ARG A 959 -66.42 -11.34 8.39
C ARG A 959 -65.38 -12.45 8.39
N ILE A 960 -65.80 -13.66 8.77
CA ILE A 960 -64.92 -14.83 8.85
C ILE A 960 -65.62 -16.00 8.17
N GLY A 961 -65.09 -16.41 7.03
CA GLY A 961 -65.66 -17.50 6.25
C GLY A 961 -66.76 -17.08 5.30
N ILE A 962 -66.74 -17.65 4.10
CA ILE A 962 -67.73 -17.38 3.06
C ILE A 962 -69.13 -17.60 3.61
N PRO A 963 -70.10 -16.68 3.40
CA PRO A 963 -71.45 -16.92 3.93
C PRO A 963 -72.28 -17.78 3.00
N SER A 964 -73.58 -17.90 3.28
CA SER A 964 -74.48 -18.69 2.46
C SER A 964 -75.03 -17.83 1.31
N THR A 965 -75.24 -18.48 0.17
CA THR A 965 -75.75 -17.83 -1.03
C THR A 965 -77.27 -18.02 -1.13
N LYS A 966 -77.85 -17.37 -2.15
CA LYS A 966 -79.29 -17.40 -2.39
C LYS A 966 -79.53 -17.79 -3.85
N TYR A 967 -79.45 -19.09 -4.13
CA TYR A 967 -79.68 -19.65 -5.46
C TYR A 967 -80.80 -20.68 -5.35
N SER A 968 -81.98 -20.32 -5.86
CA SER A 968 -83.15 -21.20 -5.84
C SER A 968 -83.80 -21.20 -7.21
N LYS A 969 -84.91 -21.92 -7.32
CA LYS A 969 -85.66 -22.02 -8.57
C LYS A 969 -86.69 -20.91 -8.72
N GLU A 970 -87.25 -20.42 -7.62
CA GLU A 970 -88.24 -19.35 -7.65
C GLU A 970 -87.61 -17.98 -7.55
N THR A 971 -86.48 -17.86 -6.86
CA THR A 971 -85.77 -16.59 -6.68
C THR A 971 -84.29 -16.81 -6.94
N PRO A 972 -83.94 -17.24 -8.16
CA PRO A 972 -82.53 -17.49 -8.48
C PRO A 972 -81.67 -16.23 -8.36
N PHE A 973 -80.36 -16.45 -8.37
CA PHE A 973 -79.41 -15.35 -8.36
C PHE A 973 -79.60 -14.48 -9.60
N VAL A 974 -79.06 -13.27 -9.54
CA VAL A 974 -79.17 -12.31 -10.64
C VAL A 974 -77.81 -11.67 -10.85
N PHE A 975 -77.57 -11.22 -12.08
CA PHE A 975 -76.32 -10.57 -12.46
C PHE A 975 -76.49 -9.06 -12.30
N LYS A 976 -76.36 -8.60 -11.06
CA LYS A 976 -76.41 -7.17 -10.76
C LYS A 976 -75.02 -6.61 -10.98
N LEU A 977 -74.78 -6.11 -12.19
CA LEU A 977 -73.45 -5.63 -12.57
C LEU A 977 -72.96 -4.52 -11.65
N GLU A 978 -73.88 -3.76 -11.05
CA GLU A 978 -73.48 -2.70 -10.13
C GLU A 978 -72.82 -3.27 -8.88
N ASP A 979 -73.26 -4.45 -8.41
CA ASP A 979 -72.68 -5.05 -7.22
C ASP A 979 -71.31 -5.64 -7.48
N TYR A 980 -70.95 -5.88 -8.75
CA TYR A 980 -69.64 -6.40 -9.11
C TYR A 980 -68.79 -5.39 -9.86
N GLN A 981 -69.22 -4.12 -9.91
CA GLN A 981 -68.45 -3.12 -10.64
C GLN A 981 -67.16 -2.77 -9.93
N ASP A 982 -67.13 -2.91 -8.60
CA ASP A 982 -65.91 -2.67 -7.83
C ASP A 982 -65.98 -3.62 -6.62
N ALA A 983 -65.49 -4.83 -6.82
CA ALA A 983 -65.62 -5.88 -5.82
C ALA A 983 -64.37 -6.76 -5.76
N VAL A 984 -64.12 -7.31 -4.58
CA VAL A 984 -63.11 -8.32 -4.35
C VAL A 984 -63.87 -9.62 -4.11
N ILE A 985 -63.58 -10.65 -4.90
CA ILE A 985 -64.39 -11.86 -4.92
C ILE A 985 -63.72 -12.97 -4.14
N ILE A 986 -64.55 -13.83 -3.55
CA ILE A 986 -64.11 -15.00 -2.80
C ILE A 986 -64.80 -16.22 -3.40
N PRO A 987 -64.09 -17.04 -4.17
CA PRO A 987 -64.70 -18.26 -4.72
C PRO A 987 -65.30 -19.13 -3.62
N ARG A 988 -66.58 -19.46 -3.77
CA ARG A 988 -67.28 -20.33 -2.83
C ARG A 988 -67.06 -21.81 -3.09
N TYR A 989 -66.37 -22.18 -4.16
CA TYR A 989 -66.20 -23.57 -4.55
C TYR A 989 -64.79 -24.10 -4.40
N ARG A 990 -63.85 -23.32 -3.87
CA ARG A 990 -62.47 -23.76 -3.81
C ARG A 990 -61.75 -22.96 -2.74
N ASN A 991 -60.62 -23.50 -2.29
CA ASN A 991 -59.79 -22.87 -1.25
C ASN A 991 -60.53 -22.72 0.08
N PHE A 992 -61.46 -23.63 0.35
CA PHE A 992 -62.21 -23.60 1.60
C PHE A 992 -61.28 -23.46 2.80
N ASP A 993 -61.67 -22.58 3.73
CA ASP A 993 -60.95 -22.32 4.98
C ASP A 993 -59.66 -21.52 4.78
N GLN A 994 -59.24 -21.30 3.53
CA GLN A 994 -58.06 -20.49 3.24
C GLN A 994 -58.34 -19.83 1.89
N PRO A 995 -59.38 -19.01 1.80
CA PRO A 995 -59.79 -18.47 0.50
C PRO A 995 -58.71 -17.64 -0.18
N HIS A 996 -58.68 -17.72 -1.50
CA HIS A 996 -57.84 -16.89 -2.35
C HIS A 996 -58.75 -15.86 -3.01
N ARG A 997 -58.38 -14.59 -2.90
CA ARG A 997 -59.21 -13.49 -3.37
C ARG A 997 -58.69 -12.92 -4.68
N PHE A 998 -59.63 -12.39 -5.47
CA PHE A 998 -59.35 -11.84 -6.80
C PHE A 998 -60.11 -10.52 -6.96
N TYR A 999 -59.71 -9.76 -7.98
CA TYR A 999 -60.39 -8.52 -8.34
C TYR A 999 -61.38 -8.77 -9.47
N VAL A 1000 -62.17 -7.75 -9.77
CA VAL A 1000 -63.06 -7.78 -10.93
C VAL A 1000 -62.42 -6.87 -11.99
N ALA A 1001 -61.64 -7.47 -12.88
CA ALA A 1001 -60.93 -6.69 -13.88
C ALA A 1001 -61.90 -6.04 -14.85
N ASP A 1002 -62.93 -6.76 -15.26
CA ASP A 1002 -63.93 -6.27 -16.21
C ASP A 1002 -65.02 -7.33 -16.26
N VAL A 1003 -66.04 -7.07 -17.08
CA VAL A 1003 -67.13 -8.02 -17.32
C VAL A 1003 -67.09 -8.42 -18.78
N TYR A 1004 -66.92 -9.72 -19.04
CA TYR A 1004 -66.94 -10.26 -20.41
C TYR A 1004 -68.38 -10.50 -20.82
N THR A 1005 -69.08 -9.41 -21.13
CA THR A 1005 -70.46 -9.52 -21.58
C THR A 1005 -70.56 -10.36 -22.86
N ASP A 1006 -69.50 -10.37 -23.67
CA ASP A 1006 -69.52 -11.17 -24.90
C ASP A 1006 -69.39 -12.66 -24.63
N LEU A 1007 -68.93 -13.05 -23.44
CA LEU A 1007 -68.78 -14.45 -23.07
C LEU A 1007 -69.84 -14.79 -22.02
N THR A 1008 -70.45 -15.95 -22.17
CA THR A 1008 -71.52 -16.43 -21.32
C THR A 1008 -71.28 -17.88 -20.96
N PRO A 1009 -71.99 -18.41 -19.95
CA PRO A 1009 -71.75 -19.80 -19.55
C PRO A 1009 -71.88 -20.80 -20.68
N LEU A 1010 -72.73 -20.53 -21.66
CA LEU A 1010 -72.90 -21.42 -22.81
C LEU A 1010 -71.95 -21.10 -23.96
N SER A 1011 -71.19 -20.02 -23.88
CA SER A 1011 -70.25 -19.68 -24.93
C SER A 1011 -69.08 -20.66 -24.93
N LYS A 1012 -68.22 -20.51 -25.94
CA LYS A 1012 -67.07 -21.39 -26.10
C LYS A 1012 -66.21 -21.40 -24.84
N PHE A 1013 -65.54 -22.56 -24.60
CA PHE A 1013 -64.65 -22.76 -23.48
C PHE A 1013 -63.20 -22.88 -23.96
N PRO A 1014 -62.23 -22.23 -23.31
CA PRO A 1014 -60.85 -22.33 -23.81
C PRO A 1014 -60.27 -23.73 -23.81
N SER A 1015 -60.56 -24.54 -22.78
CA SER A 1015 -59.96 -25.87 -22.71
C SER A 1015 -60.68 -26.84 -23.64
N PRO A 1016 -59.94 -27.72 -24.34
CA PRO A 1016 -60.60 -28.65 -25.26
C PRO A 1016 -61.46 -29.69 -24.56
N GLU A 1017 -61.21 -29.95 -23.27
CA GLU A 1017 -61.98 -30.96 -22.55
C GLU A 1017 -63.48 -30.67 -22.58
N TYR A 1018 -63.86 -29.40 -22.61
CA TYR A 1018 -65.26 -29.00 -22.62
C TYR A 1018 -65.45 -27.88 -23.62
N GLU A 1019 -66.71 -27.68 -24.03
CA GLU A 1019 -67.05 -26.66 -25.01
C GLU A 1019 -67.68 -25.42 -24.39
N THR A 1020 -68.13 -25.49 -23.14
CA THR A 1020 -68.73 -24.33 -22.49
C THR A 1020 -68.32 -24.31 -21.02
N PHE A 1021 -68.46 -23.13 -20.41
CA PHE A 1021 -68.18 -23.00 -18.99
C PHE A 1021 -69.20 -23.77 -18.16
N ALA A 1022 -70.46 -23.76 -18.58
CA ALA A 1022 -71.49 -24.52 -17.88
C ALA A 1022 -71.14 -26.00 -17.88
N GLU A 1023 -70.74 -26.53 -19.03
CA GLU A 1023 -70.29 -27.92 -19.11
C GLU A 1023 -69.10 -28.14 -18.18
N TYR A 1024 -68.13 -27.21 -18.21
CA TYR A 1024 -66.96 -27.34 -17.35
C TYR A 1024 -67.34 -27.50 -15.88
N TYR A 1025 -68.24 -26.63 -15.39
CA TYR A 1025 -68.68 -26.76 -14.00
C TYR A 1025 -69.43 -28.07 -13.78
N LYS A 1026 -70.42 -28.35 -14.63
CA LYS A 1026 -71.24 -29.56 -14.49
C LYS A 1026 -70.40 -30.82 -14.46
N THR A 1027 -69.25 -30.82 -15.13
CA THR A 1027 -68.42 -32.02 -15.24
C THR A 1027 -67.33 -32.09 -14.19
N LYS A 1028 -66.59 -30.99 -13.98
CA LYS A 1028 -65.46 -31.05 -13.04
C LYS A 1028 -65.91 -30.85 -11.60
N TYR A 1029 -66.87 -29.97 -11.35
CA TYR A 1029 -67.33 -29.69 -9.99
C TYR A 1029 -68.77 -30.12 -9.73
N ASN A 1030 -69.54 -30.45 -10.77
CA ASN A 1030 -70.91 -30.92 -10.61
C ASN A 1030 -71.77 -29.90 -9.86
N LEU A 1031 -71.81 -28.69 -10.41
CA LEU A 1031 -72.52 -27.57 -9.81
C LEU A 1031 -73.82 -27.34 -10.58
N ASP A 1032 -74.95 -27.49 -9.90
CA ASP A 1032 -76.27 -27.37 -10.53
C ASP A 1032 -76.67 -25.89 -10.54
N LEU A 1033 -76.05 -25.15 -11.46
CA LEU A 1033 -76.34 -23.72 -11.62
C LEU A 1033 -77.83 -23.53 -11.91
N THR A 1034 -78.46 -22.63 -11.15
CA THR A 1034 -79.88 -22.36 -11.37
C THR A 1034 -80.13 -21.38 -12.52
N ASN A 1035 -79.08 -20.81 -13.10
CA ASN A 1035 -79.19 -19.95 -14.26
C ASN A 1035 -78.00 -20.21 -15.18
N LEU A 1036 -78.27 -20.26 -16.48
CA LEU A 1036 -77.24 -20.57 -17.48
C LEU A 1036 -77.02 -19.43 -18.47
N ASN A 1037 -77.62 -18.26 -18.24
CA ASN A 1037 -77.41 -17.08 -19.08
C ASN A 1037 -77.06 -15.91 -18.19
N GLN A 1038 -75.81 -15.44 -18.27
CA GLN A 1038 -75.39 -14.24 -17.58
C GLN A 1038 -74.03 -13.76 -18.06
N PRO A 1039 -73.73 -12.47 -18.00
CA PRO A 1039 -72.39 -11.99 -18.41
C PRO A 1039 -71.37 -12.34 -17.34
N LEU A 1040 -70.23 -12.87 -17.76
CA LEU A 1040 -69.25 -13.36 -16.81
C LEU A 1040 -68.28 -12.24 -16.45
N LEU A 1041 -67.55 -12.44 -15.35
CA LEU A 1041 -66.69 -11.42 -14.77
C LEU A 1041 -65.23 -11.81 -14.93
N ASP A 1042 -64.45 -10.93 -15.56
CA ASP A 1042 -63.01 -11.08 -15.64
C ASP A 1042 -62.40 -10.89 -14.26
N VAL A 1043 -61.27 -11.56 -14.00
CA VAL A 1043 -60.63 -11.54 -12.70
C VAL A 1043 -59.12 -11.36 -12.82
N ASP A 1044 -58.51 -11.02 -11.68
CA ASP A 1044 -57.08 -10.86 -11.53
C ASP A 1044 -56.72 -11.22 -10.09
N HIS A 1045 -55.49 -11.68 -9.88
CA HIS A 1045 -55.12 -12.11 -8.55
C HIS A 1045 -54.74 -10.92 -7.68
N THR A 1046 -54.86 -11.12 -6.36
CA THR A 1046 -54.46 -10.12 -5.37
C THR A 1046 -53.00 -10.32 -5.01
N SER A 1047 -52.23 -9.23 -5.10
CA SER A 1047 -50.79 -9.29 -4.91
C SER A 1047 -50.41 -10.01 -3.63
N SER A 1048 -49.62 -11.08 -3.77
CA SER A 1048 -49.09 -11.78 -2.61
C SER A 1048 -47.86 -11.10 -2.04
N ARG A 1049 -47.08 -10.43 -2.89
CA ARG A 1049 -45.84 -9.80 -2.45
C ARG A 1049 -46.14 -8.54 -1.64
N LEU A 1050 -45.39 -8.37 -0.55
CA LEU A 1050 -45.53 -7.23 0.34
C LEU A 1050 -44.28 -6.38 0.44
N ASN A 1051 -43.12 -6.85 -0.02
CA ASN A 1051 -41.92 -6.03 -0.07
C ASN A 1051 -42.03 -5.14 -1.31
N LEU A 1052 -42.48 -3.91 -1.10
CA LEU A 1052 -42.62 -2.93 -2.17
C LEU A 1052 -41.55 -1.85 -2.08
N LEU A 1053 -40.47 -2.09 -1.35
CA LEU A 1053 -39.43 -1.08 -1.17
C LEU A 1053 -38.70 -0.78 -2.46
N THR A 1054 -38.49 -1.77 -3.31
CA THR A 1054 -37.78 -1.61 -4.58
C THR A 1054 -38.53 -2.34 -5.68
N PRO A 1055 -38.34 -1.94 -6.94
CA PRO A 1055 -39.02 -2.63 -8.04
C PRO A 1055 -38.62 -4.09 -8.15
N ARG A 1056 -39.45 -4.85 -8.87
CA ARG A 1056 -39.21 -6.27 -9.11
C ARG A 1056 -39.33 -6.57 -10.59
N LEU A 1086 -65.20 -15.42 -14.96
CA LEU A 1086 -65.59 -16.29 -13.86
C LEU A 1086 -67.08 -16.10 -13.58
N VAL A 1087 -67.71 -17.11 -12.98
CA VAL A 1087 -69.16 -17.13 -12.83
C VAL A 1087 -69.57 -16.34 -11.59
N PRO A 1088 -70.39 -15.28 -11.72
CA PRO A 1088 -70.73 -14.45 -10.55
C PRO A 1088 -71.24 -15.16 -9.30
N GLU A 1089 -72.25 -16.00 -9.42
CA GLU A 1089 -72.91 -16.53 -8.22
C GLU A 1089 -72.09 -17.53 -7.43
N LEU A 1090 -70.95 -17.98 -7.94
CA LEU A 1090 -70.15 -18.99 -7.26
C LEU A 1090 -69.01 -18.38 -6.46
N CYS A 1091 -69.01 -17.05 -6.28
CA CYS A 1091 -67.99 -16.36 -5.52
C CYS A 1091 -68.65 -15.24 -4.72
N ALA A 1092 -68.34 -15.16 -3.43
CA ALA A 1092 -68.87 -14.10 -2.60
C ALA A 1092 -68.09 -12.80 -2.85
N ILE A 1093 -68.53 -11.73 -2.20
CA ILE A 1093 -67.91 -10.40 -2.35
C ILE A 1093 -67.43 -9.96 -0.98
N HIS A 1094 -66.14 -9.65 -0.89
CA HIS A 1094 -65.60 -9.18 0.38
C HIS A 1094 -66.24 -7.86 0.75
N PRO A 1095 -66.61 -7.64 2.03
CA PRO A 1095 -67.23 -6.36 2.40
C PRO A 1095 -66.46 -5.12 1.97
N ILE A 1096 -65.14 -5.13 2.10
CA ILE A 1096 -64.29 -3.96 1.81
C ILE A 1096 -64.09 -3.83 0.30
N PRO A 1097 -63.99 -2.61 -0.25
CA PRO A 1097 -63.73 -2.46 -1.69
C PRO A 1097 -62.29 -2.85 -2.05
N ALA A 1098 -62.05 -2.96 -3.35
CA ALA A 1098 -60.73 -3.36 -3.83
C ALA A 1098 -59.69 -2.26 -3.75
N SER A 1099 -60.11 -1.00 -3.86
CA SER A 1099 -59.17 0.11 -3.72
C SER A 1099 -58.54 0.09 -2.33
N LEU A 1100 -59.37 -0.05 -1.30
CA LEU A 1100 -58.84 -0.14 0.05
C LEU A 1100 -57.98 -1.38 0.20
N TRP A 1101 -58.34 -2.47 -0.50
CA TRP A 1101 -57.51 -3.67 -0.48
C TRP A 1101 -56.08 -3.38 -0.94
N ARG A 1102 -55.93 -2.76 -2.11
CA ARG A 1102 -54.59 -2.41 -2.58
C ARG A 1102 -53.89 -1.46 -1.62
N LYS A 1103 -54.64 -0.47 -1.12
CA LYS A 1103 -54.04 0.49 -0.20
C LYS A 1103 -53.58 -0.19 1.08
N ALA A 1104 -54.23 -1.29 1.47
CA ALA A 1104 -53.83 -2.04 2.65
C ALA A 1104 -52.62 -2.92 2.36
N VAL A 1105 -52.59 -3.53 1.17
CA VAL A 1105 -51.42 -4.32 0.77
C VAL A 1105 -50.19 -3.44 0.72
N CYS A 1106 -50.36 -2.13 0.54
CA CYS A 1106 -49.24 -1.19 0.58
C CYS A 1106 -48.79 -0.85 2.00
N LEU A 1107 -49.58 -1.23 3.01
CA LEU A 1107 -49.36 -0.77 4.39
C LEU A 1107 -48.07 -1.25 5.05
N PRO A 1108 -47.74 -2.55 5.05
CA PRO A 1108 -46.52 -2.99 5.78
C PRO A 1108 -45.24 -2.25 5.45
N SER A 1109 -44.96 -2.00 4.18
CA SER A 1109 -43.79 -1.20 3.82
C SER A 1109 -43.86 0.20 4.42
N ILE A 1110 -45.05 0.81 4.40
CA ILE A 1110 -45.24 2.14 4.99
C ILE A 1110 -44.83 2.13 6.45
N LEU A 1111 -45.35 1.17 7.22
CA LEU A 1111 -45.04 1.13 8.65
C LEU A 1111 -43.57 0.84 8.90
N TYR A 1112 -42.96 -0.05 8.13
CA TYR A 1112 -41.54 -0.34 8.30
C TYR A 1112 -40.69 0.90 8.04
N ARG A 1113 -40.95 1.59 6.92
CA ARG A 1113 -40.18 2.78 6.61
C ARG A 1113 -40.43 3.89 7.63
N LEU A 1114 -41.64 3.98 8.18
CA LEU A 1114 -41.90 4.93 9.24
C LEU A 1114 -41.01 4.65 10.44
N HIS A 1115 -40.98 3.39 10.89
CA HIS A 1115 -40.11 3.00 11.98
C HIS A 1115 -38.66 3.41 11.73
N CYS A 1116 -38.13 3.06 10.55
CA CYS A 1116 -36.76 3.40 10.21
C CYS A 1116 -36.51 4.91 10.19
N LEU A 1117 -37.36 5.67 9.50
CA LEU A 1117 -37.18 7.11 9.43
C LEU A 1117 -37.25 7.76 10.80
N LEU A 1118 -38.11 7.27 11.69
CA LEU A 1118 -38.18 7.83 13.03
C LEU A 1118 -36.92 7.50 13.82
N THR A 1119 -36.39 6.29 13.67
CA THR A 1119 -35.14 5.94 14.32
C THR A 1119 -34.02 6.87 13.84
N ALA A 1120 -34.01 7.18 12.54
CA ALA A 1120 -33.02 8.09 12.00
C ALA A 1120 -33.20 9.50 12.54
N GLU A 1121 -34.45 9.98 12.63
CA GLU A 1121 -34.70 11.31 13.18
C GLU A 1121 -34.22 11.41 14.62
N GLU A 1122 -34.44 10.37 15.42
CA GLU A 1122 -33.94 10.38 16.78
C GLU A 1122 -32.41 10.39 16.81
N LEU A 1123 -31.76 9.53 16.03
CA LEU A 1123 -30.31 9.54 15.98
C LEU A 1123 -29.75 10.82 15.37
N ARG A 1124 -30.59 11.62 14.71
CA ARG A 1124 -30.18 12.93 14.21
C ARG A 1124 -30.23 13.97 15.32
N ALA A 1125 -31.38 14.08 15.98
CA ALA A 1125 -31.56 15.14 16.97
C ALA A 1125 -30.78 14.87 18.25
N GLN A 1126 -30.58 13.60 18.61
CA GLN A 1126 -29.83 13.30 19.82
C GLN A 1126 -28.40 13.81 19.71
N THR A 1127 -27.77 13.66 18.55
CA THR A 1127 -26.42 14.18 18.35
C THR A 1127 -26.42 15.66 18.00
N ALA A 1128 -27.48 16.16 17.35
CA ALA A 1128 -27.52 17.56 16.99
C ALA A 1128 -27.74 18.45 18.21
N SER A 1129 -28.57 18.01 19.15
CA SER A 1129 -28.84 18.77 20.36
C SER A 1129 -27.56 19.00 21.16
N LEU A 1343 -30.16 22.13 13.64
CA LEU A 1343 -29.80 21.73 12.27
C LEU A 1343 -29.06 20.40 12.30
N GLY A 1344 -29.20 19.62 11.23
CA GLY A 1344 -28.55 18.33 11.14
C GLY A 1344 -28.79 17.63 9.82
N PRO A 1345 -28.19 16.45 9.65
CA PRO A 1345 -28.35 15.72 8.39
C PRO A 1345 -29.78 15.21 8.22
N ASN A 1346 -30.10 14.85 6.99
CA ASN A 1346 -31.45 14.41 6.67
C ASN A 1346 -31.68 13.00 7.23
N PRO A 1347 -32.88 12.70 7.72
CA PRO A 1347 -33.10 11.34 8.27
C PRO A 1347 -32.95 10.25 7.22
N GLY A 1348 -33.28 10.54 5.96
CA GLY A 1348 -33.10 9.53 4.93
C GLY A 1348 -31.65 9.21 4.66
N LEU A 1349 -30.78 10.22 4.74
CA LEU A 1349 -29.37 9.96 4.50
C LEU A 1349 -28.75 9.25 5.69
N ILE A 1350 -29.21 9.56 6.90
CA ILE A 1350 -28.79 8.78 8.07
C ILE A 1350 -29.26 7.34 7.93
N LEU A 1351 -30.47 7.14 7.40
CA LEU A 1351 -30.95 5.78 7.16
C LEU A 1351 -30.06 5.06 6.16
N GLN A 1352 -29.62 5.77 5.13
CA GLN A 1352 -28.68 5.21 4.18
C GLN A 1352 -27.37 4.84 4.87
N ALA A 1353 -26.98 5.63 5.87
CA ALA A 1353 -25.77 5.32 6.62
C ALA A 1353 -25.97 4.12 7.52
N LEU A 1354 -27.18 3.87 7.99
CA LEU A 1354 -27.47 2.74 8.88
C LEU A 1354 -27.76 1.43 8.15
N THR A 1355 -28.01 1.45 6.84
CA THR A 1355 -28.36 0.24 6.10
C THR A 1355 -27.13 -0.43 5.49
N LEU A 1356 -26.89 -1.68 5.88
CA LEU A 1356 -25.82 -2.50 5.34
C LEU A 1356 -26.21 -3.09 3.98
N SER A 1357 -25.19 -3.44 3.21
CA SER A 1357 -25.39 -3.94 1.86
C SER A 1357 -26.22 -5.22 1.85
N ASN A 1358 -26.11 -6.03 2.91
CA ASN A 1358 -26.84 -7.29 2.98
C ASN A 1358 -28.34 -7.11 2.76
N ALA A 1359 -28.89 -5.96 3.13
CA ALA A 1359 -30.33 -5.74 2.99
C ALA A 1359 -30.79 -5.67 1.55
N SER A 1360 -29.88 -5.54 0.58
CA SER A 1360 -30.21 -5.46 -0.84
C SER A 1360 -31.21 -4.35 -1.16
N ASP A 1361 -31.34 -3.37 -0.27
CA ASP A 1361 -32.21 -2.23 -0.48
C ASP A 1361 -31.60 -1.29 -1.52
N GLY A 1362 -32.40 -0.29 -1.92
CA GLY A 1362 -31.97 0.70 -2.90
C GLY A 1362 -30.80 1.54 -2.45
N PHE A 1363 -30.51 1.56 -1.15
CA PHE A 1363 -29.44 2.35 -0.56
C PHE A 1363 -28.36 1.39 -0.06
N ASN A 1364 -27.14 1.91 0.05
CA ASN A 1364 -26.03 1.09 0.50
C ASN A 1364 -25.03 2.00 1.20
N LEU A 1365 -24.08 1.38 1.90
CA LEU A 1365 -23.17 2.09 2.77
C LEU A 1365 -21.81 2.46 2.19
N GLU A 1366 -21.35 1.74 1.16
CA GLU A 1366 -19.99 1.86 0.64
C GLU A 1366 -19.43 3.27 0.46
N ARG A 1367 -20.14 4.12 -0.30
CA ARG A 1367 -19.60 5.42 -0.67
C ARG A 1367 -19.35 6.28 0.57
N LEU A 1368 -20.34 6.34 1.45
CA LEU A 1368 -20.20 7.10 2.67
C LEU A 1368 -19.04 6.56 3.48
N GLU A 1369 -18.93 5.23 3.56
CA GLU A 1369 -17.82 4.59 4.24
C GLU A 1369 -16.49 5.17 3.79
N MET A 1370 -16.23 5.10 2.48
CA MET A 1370 -14.99 5.64 1.92
C MET A 1370 -14.75 7.07 2.40
N LEU A 1371 -15.68 7.98 2.08
CA LEU A 1371 -15.48 9.39 2.41
C LEU A 1371 -15.21 9.57 3.91
N GLY A 1372 -16.01 8.91 4.75
CA GLY A 1372 -15.87 9.05 6.18
C GLY A 1372 -14.53 8.55 6.69
N ASP A 1373 -14.06 7.41 6.18
CA ASP A 1373 -12.76 6.89 6.58
C ASP A 1373 -11.66 7.88 6.23
N SER A 1374 -11.71 8.45 5.03
CA SER A 1374 -10.76 9.49 4.65
C SER A 1374 -10.77 10.62 5.69
N PHE A 1375 -11.97 11.13 5.99
CA PHE A 1375 -12.06 12.26 6.92
C PHE A 1375 -11.47 11.89 8.26
N LEU A 1376 -11.81 10.69 8.75
CA LEU A 1376 -11.33 10.24 10.05
C LEU A 1376 -9.81 10.31 10.09
N LYS A 1377 -9.16 9.69 9.10
CA LYS A 1377 -7.70 9.68 9.10
C LYS A 1377 -7.18 11.10 9.12
N HIS A 1378 -7.64 11.93 8.18
CA HIS A 1378 -7.26 13.34 8.12
C HIS A 1378 -7.30 13.99 9.51
N ALA A 1379 -8.49 13.98 10.12
CA ALA A 1379 -8.71 14.64 11.40
C ALA A 1379 -7.73 14.13 12.45
N ILE A 1380 -7.70 12.82 12.66
CA ILE A 1380 -6.83 12.24 13.69
C ILE A 1380 -5.39 12.72 13.49
N THR A 1381 -4.91 12.66 12.25
CA THR A 1381 -3.51 13.00 11.98
C THR A 1381 -3.24 14.47 12.28
N THR A 1382 -4.09 15.36 11.77
CA THR A 1382 -3.93 16.79 12.07
C THR A 1382 -3.87 17.01 13.57
N TYR A 1383 -4.78 16.38 14.32
CA TYR A 1383 -4.83 16.64 15.75
C TYR A 1383 -3.56 16.12 16.42
N LEU A 1384 -3.10 14.93 16.04
CA LEU A 1384 -1.91 14.35 16.66
C LEU A 1384 -0.65 15.10 16.27
N PHE A 1385 -0.68 15.85 15.18
CA PHE A 1385 0.48 16.60 14.73
C PHE A 1385 0.50 18.00 15.32
N CYS A 1386 -0.68 18.53 15.68
CA CYS A 1386 -0.75 19.84 16.32
C CYS A 1386 -0.78 19.77 17.85
N THR A 1387 -0.93 18.58 18.44
CA THR A 1387 -0.98 18.46 19.89
C THR A 1387 0.28 17.84 20.49
N TYR A 1388 1.03 17.04 19.73
CA TYR A 1388 2.22 16.33 20.21
C TYR A 1388 3.43 16.70 19.36
N PRO A 1389 3.83 17.98 19.36
CA PRO A 1389 4.99 18.39 18.55
C PRO A 1389 6.31 17.75 18.98
N ASP A 1390 6.38 17.10 20.14
CA ASP A 1390 7.62 16.55 20.65
C ASP A 1390 7.82 15.07 20.30
N ALA A 1391 6.80 14.38 19.83
CA ALA A 1391 6.92 12.98 19.46
C ALA A 1391 7.36 12.85 18.02
N HIS A 1392 8.09 11.78 17.73
CA HIS A 1392 8.51 11.51 16.36
C HIS A 1392 7.48 10.65 15.66
N GLU A 1393 7.59 10.63 14.32
CA GLU A 1393 6.67 9.93 13.43
C GLU A 1393 6.33 8.52 13.91
N GLY A 1394 7.28 7.80 14.50
CA GLY A 1394 6.97 6.46 14.98
C GLY A 1394 5.88 6.44 16.04
N ARG A 1395 6.01 7.29 17.05
CA ARG A 1395 5.00 7.32 18.11
C ARG A 1395 3.67 7.85 17.58
N LEU A 1396 3.72 8.90 16.76
CA LEU A 1396 2.49 9.43 16.18
C LEU A 1396 1.77 8.38 15.36
N SER A 1397 2.51 7.66 14.52
CA SER A 1397 1.95 6.56 13.75
C SER A 1397 1.29 5.52 14.65
N TYR A 1398 2.00 5.09 15.70
CA TYR A 1398 1.44 4.09 16.62
C TYR A 1398 0.13 4.57 17.24
N MET A 1399 0.16 5.76 17.85
CA MET A 1399 -1.04 6.32 18.45
C MET A 1399 -2.19 6.42 17.46
N ARG A 1400 -1.93 6.99 16.27
CA ARG A 1400 -2.97 7.13 15.27
C ARG A 1400 -3.54 5.78 14.86
N SER A 1401 -2.68 4.79 14.64
CA SER A 1401 -3.17 3.49 14.22
C SER A 1401 -3.97 2.80 15.31
N LYS A 1402 -3.76 3.18 16.57
CA LYS A 1402 -4.59 2.63 17.63
C LYS A 1402 -5.90 3.38 17.78
N LYS A 1403 -5.91 4.68 17.48
CA LYS A 1403 -7.14 5.44 17.59
C LYS A 1403 -8.11 5.15 16.45
N VAL A 1404 -7.60 5.01 15.22
CA VAL A 1404 -8.44 4.72 14.06
C VAL A 1404 -8.71 3.23 13.86
N SER A 1405 -8.21 2.36 14.74
CA SER A 1405 -8.42 0.94 14.56
C SER A 1405 -9.90 0.60 14.63
N ASN A 1406 -10.27 -0.48 13.93
CA ASN A 1406 -11.67 -0.88 13.88
C ASN A 1406 -12.23 -1.23 15.25
N CYS A 1407 -11.40 -1.72 16.17
CA CYS A 1407 -11.89 -2.06 17.50
C CYS A 1407 -12.34 -0.81 18.25
N ASN A 1408 -11.57 0.26 18.14
CA ASN A 1408 -11.94 1.50 18.82
C ASN A 1408 -13.24 2.07 18.25
N LEU A 1409 -13.38 2.05 16.93
CA LEU A 1409 -14.62 2.51 16.32
C LEU A 1409 -15.80 1.62 16.71
N TYR A 1410 -15.60 0.32 16.79
CA TYR A 1410 -16.67 -0.57 17.26
C TYR A 1410 -17.11 -0.17 18.65
N ARG A 1411 -16.16 0.00 19.56
CA ARG A 1411 -16.50 0.39 20.92
C ARG A 1411 -17.25 1.73 20.94
N LEU A 1412 -16.80 2.69 20.14
CA LEU A 1412 -17.46 3.99 20.10
C LEU A 1412 -18.88 3.86 19.58
N GLY A 1413 -19.10 3.07 18.54
CA GLY A 1413 -20.44 2.89 18.02
C GLY A 1413 -21.35 2.21 19.01
N LYS A 1414 -20.87 1.14 19.65
CA LYS A 1414 -21.65 0.45 20.66
C LYS A 1414 -22.05 1.40 21.79
N LYS A 1415 -21.15 2.31 22.15
CA LYS A 1415 -21.48 3.29 23.20
C LYS A 1415 -22.70 4.13 22.83
N LYS A 1416 -22.83 4.51 21.57
CA LYS A 1416 -23.97 5.28 21.10
C LYS A 1416 -25.17 4.42 20.70
N GLY A 1417 -25.12 3.11 20.92
CA GLY A 1417 -26.27 2.28 20.63
C GLY A 1417 -26.52 1.99 19.17
N LEU A 1418 -25.57 2.33 18.29
CA LEU A 1418 -25.76 2.10 16.86
C LEU A 1418 -26.15 0.67 16.48
N PRO A 1419 -25.60 -0.40 17.06
CA PRO A 1419 -26.02 -1.74 16.61
C PRO A 1419 -27.49 -2.04 16.84
N SER A 1420 -28.16 -1.30 17.72
CA SER A 1420 -29.59 -1.46 17.93
C SER A 1420 -30.43 -0.73 16.89
N ARG A 1421 -29.82 0.07 16.00
CA ARG A 1421 -30.56 0.91 15.07
C ARG A 1421 -30.29 0.57 13.61
N MET A 1422 -29.69 -0.58 13.31
CA MET A 1422 -29.25 -0.89 11.95
C MET A 1422 -30.24 -1.81 11.24
N VAL A 1423 -30.47 -1.54 9.96
CA VAL A 1423 -31.34 -2.36 9.12
C VAL A 1423 -30.46 -3.32 8.34
N VAL A 1424 -30.19 -4.48 8.93
CA VAL A 1424 -29.39 -5.53 8.29
C VAL A 1424 -30.26 -6.48 7.48
N SER A 1425 -31.44 -6.85 7.99
CA SER A 1425 -32.23 -7.91 7.40
C SER A 1425 -33.03 -7.43 6.19
N ILE A 1426 -33.39 -8.39 5.34
CA ILE A 1426 -34.22 -8.14 4.17
C ILE A 1426 -35.68 -8.16 4.59
N PHE A 1427 -36.45 -7.19 4.10
CA PHE A 1427 -37.85 -7.04 4.49
C PHE A 1427 -38.67 -8.23 4.02
N ASP A 1428 -39.28 -8.93 4.97
CA ASP A 1428 -40.15 -10.08 4.68
C ASP A 1428 -41.23 -10.09 5.76
N PRO A 1429 -42.32 -9.35 5.55
CA PRO A 1429 -43.28 -9.13 6.64
C PRO A 1429 -43.80 -10.38 7.31
N PRO A 1430 -44.05 -11.49 6.59
CA PRO A 1430 -44.48 -12.70 7.31
C PRO A 1430 -43.42 -13.30 8.21
N VAL A 1431 -42.14 -12.94 8.05
CA VAL A 1431 -41.04 -13.60 8.74
C VAL A 1431 -40.41 -12.70 9.81
N ASN A 1432 -39.86 -11.56 9.41
CA ASN A 1432 -39.06 -10.74 10.32
C ASN A 1432 -39.79 -9.53 10.91
N TRP A 1433 -40.96 -9.17 10.40
CA TRP A 1433 -41.64 -8.00 10.91
C TRP A 1433 -42.45 -8.33 12.16
N LEU A 1434 -42.93 -7.28 12.83
CA LEU A 1434 -43.74 -7.42 14.05
C LEU A 1434 -44.79 -6.30 13.97
N PRO A 1435 -46.04 -6.62 13.62
CA PRO A 1435 -47.02 -5.55 13.39
C PRO A 1435 -47.32 -4.77 14.66
N PRO A 1436 -47.92 -3.59 14.54
CA PRO A 1436 -48.27 -2.82 15.74
C PRO A 1436 -49.25 -3.56 16.64
N GLY A 1437 -49.11 -3.30 17.93
CA GLY A 1437 -49.94 -3.95 18.92
C GLY A 1437 -49.91 -5.47 18.88
N TYR A 1438 -48.76 -6.04 18.54
CA TYR A 1438 -48.58 -7.49 18.49
C TYR A 1438 -47.29 -7.84 19.21
N VAL A 1439 -47.36 -8.76 20.16
CA VAL A 1439 -46.20 -9.24 20.91
C VAL A 1439 -45.99 -10.71 20.59
N VAL A 1440 -44.77 -11.18 20.83
CA VAL A 1440 -44.40 -12.57 20.58
C VAL A 1440 -44.79 -13.37 21.82
N ASN A 1441 -45.83 -14.18 21.70
CA ASN A 1441 -46.33 -14.99 22.81
C ASN A 1441 -46.15 -16.47 22.51
N ASP A 1596 -33.84 -14.65 18.57
CA ASP A 1596 -35.16 -14.45 17.99
C ASP A 1596 -35.04 -13.63 16.71
N LEU A 1597 -35.89 -13.93 15.72
CA LEU A 1597 -35.86 -13.23 14.45
C LEU A 1597 -36.69 -11.95 14.46
N HIS A 1598 -37.69 -11.86 15.32
CA HIS A 1598 -38.54 -10.68 15.37
C HIS A 1598 -37.88 -9.53 16.11
N THR A 1599 -37.43 -9.75 17.34
CA THR A 1599 -36.96 -8.67 18.18
C THR A 1599 -35.46 -8.42 18.09
N GLU A 1600 -34.65 -9.43 17.84
CA GLU A 1600 -33.21 -9.28 17.77
C GLU A 1600 -32.71 -9.28 16.33
N GLN A 1601 -31.45 -8.87 16.18
CA GLN A 1601 -30.77 -8.87 14.89
C GLN A 1601 -29.30 -9.20 15.12
N CYS A 1602 -28.67 -9.85 14.15
CA CYS A 1602 -27.27 -10.27 14.25
C CYS A 1602 -26.42 -9.33 13.39
N ILE A 1603 -25.44 -8.69 14.04
CA ILE A 1603 -24.58 -7.71 13.38
C ILE A 1603 -23.14 -7.99 13.80
N ALA A 1604 -22.21 -7.88 12.86
CA ALA A 1604 -20.80 -8.02 13.15
C ALA A 1604 -20.20 -6.69 13.59
N ASP A 1605 -19.12 -6.76 14.37
CA ASP A 1605 -18.50 -5.55 14.88
C ASP A 1605 -17.95 -4.67 13.76
N LYS A 1606 -17.43 -5.29 12.70
CA LYS A 1606 -16.92 -4.52 11.58
C LYS A 1606 -18.04 -3.68 10.97
N SER A 1607 -19.26 -4.20 10.98
CA SER A 1607 -20.39 -3.43 10.48
C SER A 1607 -20.65 -2.21 11.35
N ILE A 1608 -20.44 -2.32 12.66
CA ILE A 1608 -20.58 -1.15 13.53
C ILE A 1608 -19.51 -0.12 13.20
N ALA A 1609 -18.30 -0.57 12.90
CA ALA A 1609 -17.25 0.37 12.50
C ALA A 1609 -17.64 1.07 11.21
N ASP A 1610 -18.07 0.28 10.22
CA ASP A 1610 -18.59 0.84 8.97
C ASP A 1610 -19.68 1.87 9.22
N CYS A 1611 -20.59 1.58 10.15
CA CYS A 1611 -21.68 2.51 10.45
C CYS A 1611 -21.18 3.81 11.05
N VAL A 1612 -20.25 3.74 12.01
CA VAL A 1612 -19.69 4.96 12.58
C VAL A 1612 -19.05 5.81 11.49
N ALA A 1613 -18.24 5.18 10.64
CA ALA A 1613 -17.61 5.91 9.54
C ALA A 1613 -18.65 6.48 8.60
N ALA A 1614 -19.72 5.75 8.33
CA ALA A 1614 -20.75 6.23 7.43
C ALA A 1614 -21.51 7.41 7.99
N LEU A 1615 -21.78 7.42 9.30
CA LEU A 1615 -22.42 8.57 9.90
C LEU A 1615 -21.51 9.77 9.83
N LEU A 1616 -20.21 9.56 10.05
CA LEU A 1616 -19.25 10.64 9.88
C LEU A 1616 -19.30 11.18 8.45
N GLY A 1617 -19.37 10.29 7.47
CA GLY A 1617 -19.50 10.71 6.09
C GLY A 1617 -20.76 11.51 5.84
N CYS A 1618 -21.87 11.06 6.42
CA CYS A 1618 -23.15 11.76 6.25
C CYS A 1618 -23.07 13.17 6.81
N TYR A 1619 -22.51 13.32 8.00
CA TYR A 1619 -22.38 14.65 8.59
C TYR A 1619 -21.46 15.52 7.76
N LEU A 1620 -20.40 14.93 7.19
CA LEU A 1620 -19.46 15.72 6.40
C LEU A 1620 -20.08 16.14 5.07
N THR A 1621 -20.91 15.28 4.48
CA THR A 1621 -21.54 15.58 3.19
C THR A 1621 -22.78 16.45 3.33
N SER A 1622 -23.34 16.60 4.54
CA SER A 1622 -24.54 17.38 4.75
C SER A 1622 -24.25 18.66 5.54
N CYS A 1623 -23.86 18.53 6.82
CA CYS A 1623 -23.63 19.72 7.64
C CYS A 1623 -22.32 20.43 7.30
N GLY A 1624 -21.23 19.68 7.22
CA GLY A 1624 -19.94 20.22 6.89
C GLY A 1624 -18.84 19.62 7.74
N GLU A 1625 -17.65 20.21 7.64
CA GLU A 1625 -16.48 19.70 8.36
C GLU A 1625 -16.59 19.91 9.87
N ARG A 1626 -17.07 21.09 10.29
CA ARG A 1626 -17.15 21.37 11.72
C ARG A 1626 -18.11 20.41 12.42
N ALA A 1627 -19.23 20.09 11.76
CA ALA A 1627 -20.18 19.14 12.34
C ALA A 1627 -19.54 17.78 12.50
N ALA A 1628 -18.83 17.31 11.47
CA ALA A 1628 -18.15 16.03 11.55
C ALA A 1628 -17.12 16.01 12.67
N GLN A 1629 -16.37 17.12 12.82
CA GLN A 1629 -15.38 17.21 13.87
C GLN A 1629 -16.03 17.10 15.25
N LEU A 1630 -17.10 17.86 15.46
CA LEU A 1630 -17.76 17.82 16.76
C LEU A 1630 -18.44 16.48 16.99
N PHE A 1631 -18.89 15.81 15.94
CA PHE A 1631 -19.48 14.48 16.12
C PHE A 1631 -18.41 13.47 16.52
N LEU A 1632 -17.20 13.64 15.99
CA LEU A 1632 -16.11 12.75 16.39
C LEU A 1632 -15.76 12.98 17.84
N CYS A 1633 -15.71 14.24 18.28
CA CYS A 1633 -15.48 14.49 19.70
C CYS A 1633 -16.70 14.11 20.54
N SER A 1634 -17.87 13.96 19.92
CA SER A 1634 -19.06 13.51 20.62
C SER A 1634 -19.03 12.02 20.91
N LEU A 1635 -18.50 11.21 19.98
CA LEU A 1635 -18.38 9.79 20.29
C LEU A 1635 -17.31 9.51 21.35
N GLY A 1636 -16.41 10.46 21.60
CA GLY A 1636 -15.35 10.29 22.58
C GLY A 1636 -13.95 10.32 22.02
N LEU A 1637 -13.75 10.52 20.72
CA LEU A 1637 -12.41 10.71 20.15
C LEU A 1637 -12.12 12.21 20.23
N LYS A 1638 -11.24 12.59 21.15
CA LYS A 1638 -10.93 14.01 21.38
C LYS A 1638 -10.11 14.51 20.19
N VAL A 1639 -10.81 14.85 19.11
CA VAL A 1639 -10.17 15.28 17.87
C VAL A 1639 -9.95 16.80 17.82
N LEU A 1640 -10.54 17.55 18.75
CA LEU A 1640 -10.32 19.00 18.85
C LEU A 1640 -9.76 19.30 20.24
N PRO A 1641 -9.31 20.54 20.51
CA PRO A 1641 -8.78 20.87 21.84
C PRO A 1641 -9.77 20.61 22.98
N ALA A 1702 21.41 31.79 12.21
CA ALA A 1702 20.51 30.92 11.47
C ALA A 1702 20.04 31.57 10.17
N GLU A 1703 20.05 32.90 10.14
CA GLU A 1703 19.57 33.61 8.97
C GLU A 1703 20.35 33.24 7.72
N LYS A 1704 21.69 33.29 7.79
CA LYS A 1704 22.47 32.96 6.59
C LYS A 1704 22.46 31.46 6.31
N THR A 1705 22.36 30.63 7.34
CA THR A 1705 22.27 29.19 7.08
C THR A 1705 21.00 28.89 6.29
N LEU A 1706 19.89 29.52 6.67
CA LEU A 1706 18.66 29.37 5.91
C LEU A 1706 18.82 29.92 4.51
N ASN A 1707 19.42 31.12 4.40
CA ASN A 1707 19.52 31.78 3.10
C ASN A 1707 20.30 30.94 2.10
N HIS A 1708 21.51 30.48 2.47
CA HIS A 1708 22.26 29.66 1.50
C HIS A 1708 21.87 28.18 1.54
N LEU A 1709 20.85 27.78 2.31
CA LEU A 1709 20.31 26.43 2.19
C LEU A 1709 19.06 26.38 1.33
N ILE A 1710 18.17 27.37 1.44
CA ILE A 1710 16.99 27.41 0.60
C ILE A 1710 17.30 27.90 -0.81
N SER A 1711 18.40 28.63 -0.99
CA SER A 1711 18.78 29.16 -2.30
C SER A 1711 18.79 28.08 -3.36
N GLY A 1712 18.07 28.34 -4.46
CA GLY A 1712 17.89 27.40 -5.54
C GLY A 1712 16.48 26.86 -5.70
N PHE A 1713 15.55 27.19 -4.79
CA PHE A 1713 14.17 26.74 -4.88
C PHE A 1713 13.26 27.80 -5.49
N GLU A 1714 13.84 28.92 -5.95
CA GLU A 1714 13.05 30.00 -6.54
C GLU A 1714 12.51 29.63 -7.90
N THR A 1715 12.93 28.50 -8.47
CA THR A 1715 12.41 27.99 -9.73
C THR A 1715 11.35 26.93 -9.50
N PHE A 1716 11.52 26.12 -8.45
CA PHE A 1716 10.49 25.14 -8.11
C PHE A 1716 9.22 25.84 -7.66
N GLU A 1717 9.37 26.87 -6.82
CA GLU A 1717 8.21 27.65 -6.39
C GLU A 1717 7.43 28.17 -7.60
N LYS A 1718 8.15 28.58 -8.66
CA LYS A 1718 7.49 29.03 -9.87
C LYS A 1718 6.84 27.88 -10.63
N LYS A 1719 7.54 26.74 -10.73
CA LYS A 1719 7.01 25.60 -11.48
C LYS A 1719 5.68 25.13 -10.90
N ILE A 1720 5.59 24.99 -9.58
CA ILE A 1720 4.34 24.56 -8.98
C ILE A 1720 3.39 25.73 -8.73
N ASN A 1721 3.74 26.94 -9.16
CA ASN A 1721 2.90 28.12 -9.03
C ASN A 1721 2.47 28.35 -7.58
N TYR A 1722 3.45 28.39 -6.69
CA TYR A 1722 3.20 28.69 -5.28
C TYR A 1722 4.47 29.24 -4.68
N ARG A 1723 4.34 30.32 -3.91
CA ARG A 1723 5.46 30.94 -3.20
C ARG A 1723 5.17 30.83 -1.71
N PHE A 1724 6.08 30.20 -0.98
CA PHE A 1724 5.89 30.00 0.44
C PHE A 1724 6.06 31.30 1.21
N LYS A 1725 5.34 31.41 2.33
CA LYS A 1725 5.50 32.56 3.21
C LYS A 1725 6.71 32.37 4.10
N ASN A 1726 6.75 31.27 4.85
CA ASN A 1726 7.91 30.89 5.65
C ASN A 1726 8.68 29.84 4.85
N LYS A 1727 9.84 30.24 4.31
CA LYS A 1727 10.62 29.35 3.47
C LYS A 1727 11.10 28.11 4.22
N ALA A 1728 11.10 28.14 5.55
CA ALA A 1728 11.54 26.98 6.32
C ALA A 1728 10.76 25.72 5.97
N TYR A 1729 9.51 25.87 5.54
CA TYR A 1729 8.73 24.70 5.15
C TYR A 1729 9.29 24.01 3.91
N LEU A 1730 9.93 24.76 3.00
CA LEU A 1730 10.57 24.10 1.86
C LEU A 1730 11.64 23.15 2.36
N LEU A 1731 12.57 23.64 3.18
CA LEU A 1731 13.62 22.79 3.72
C LEU A 1731 13.01 21.62 4.49
N GLN A 1732 11.99 21.90 5.30
CA GLN A 1732 11.28 20.85 6.02
C GLN A 1732 10.82 19.74 5.09
N ALA A 1733 10.36 20.08 3.89
CA ALA A 1733 9.87 19.06 2.96
C ALA A 1733 11.01 18.38 2.21
N PHE A 1734 11.87 19.17 1.57
CA PHE A 1734 12.97 18.65 0.76
C PHE A 1734 14.22 18.39 1.61
N THR A 1735 14.07 17.58 2.64
CA THR A 1735 15.19 17.12 3.44
C THR A 1735 15.06 15.62 3.62
N HIS A 1736 16.10 15.02 4.20
CA HIS A 1736 16.16 13.59 4.39
C HIS A 1736 16.83 13.34 5.73
N ALA A 1737 16.60 12.16 6.30
CA ALA A 1737 17.13 11.84 7.63
C ALA A 1737 18.65 11.76 7.67
N SER A 1738 19.35 11.93 6.54
CA SER A 1738 20.80 11.91 6.48
C SER A 1738 21.42 13.25 6.13
N TYR A 1739 20.60 14.30 5.95
CA TYR A 1739 21.11 15.63 5.63
C TYR A 1739 21.55 16.34 6.91
N HIS A 1740 22.56 15.77 7.56
CA HIS A 1740 23.02 16.29 8.85
C HIS A 1740 23.46 17.74 8.77
N TYR A 1741 23.82 18.24 7.59
CA TYR A 1741 24.20 19.64 7.44
C TYR A 1741 23.04 20.60 7.72
N ASN A 1742 21.81 20.10 7.87
CA ASN A 1742 20.65 20.92 8.19
C ASN A 1742 20.33 20.82 9.68
N THR A 1743 20.56 21.92 10.41
CA THR A 1743 20.30 22.00 11.84
C THR A 1743 19.12 22.90 12.20
N ILE A 1744 18.62 23.72 11.27
CA ILE A 1744 17.52 24.61 11.59
C ILE A 1744 16.22 23.83 11.79
N THR A 1745 15.88 22.97 10.83
CA THR A 1745 14.64 22.21 10.84
C THR A 1745 14.94 20.72 10.97
N ASP A 1746 13.90 19.98 11.34
CA ASP A 1746 14.00 18.53 11.47
C ASP A 1746 13.67 17.85 10.14
N CYS A 1747 13.69 16.52 10.18
CA CYS A 1747 13.40 15.71 9.00
C CYS A 1747 11.94 15.86 8.56
N TYR A 1748 11.71 15.51 7.30
CA TYR A 1748 10.42 15.64 6.62
C TYR A 1748 9.42 14.53 6.95
N GLN A 1749 9.81 13.50 7.70
CA GLN A 1749 8.90 12.36 7.93
C GLN A 1749 7.61 12.77 8.65
N ARG A 1750 7.71 13.64 9.66
CA ARG A 1750 6.50 14.08 10.33
C ARG A 1750 5.57 14.84 9.38
N LEU A 1751 6.13 15.55 8.40
CA LEU A 1751 5.29 16.22 7.41
C LEU A 1751 4.68 15.21 6.44
N GLU A 1752 5.44 14.17 6.05
CA GLU A 1752 4.89 13.10 5.23
C GLU A 1752 3.63 12.53 5.85
N PHE A 1753 3.72 12.28 7.16
CA PHE A 1753 2.64 11.70 7.94
C PHE A 1753 1.31 12.42 7.69
N LEU A 1754 1.29 13.73 7.88
CA LEU A 1754 0.09 14.52 7.60
C LEU A 1754 -0.23 14.60 6.11
N GLY A 1755 0.80 14.73 5.27
CA GLY A 1755 0.58 14.95 3.85
C GLY A 1755 -0.17 13.83 3.15
N ASP A 1756 0.22 12.59 3.43
CA ASP A 1756 -0.44 11.46 2.79
C ASP A 1756 -1.93 11.44 3.11
N ALA A 1757 -2.27 11.64 4.39
CA ALA A 1757 -3.68 11.69 4.78
C ALA A 1757 -4.41 12.82 4.07
N ILE A 1758 -3.73 13.94 3.82
CA ILE A 1758 -4.43 15.04 3.16
C ILE A 1758 -4.70 14.70 1.71
N LEU A 1759 -3.73 14.07 1.03
CA LEU A 1759 -3.97 13.79 -0.38
C LEU A 1759 -4.91 12.62 -0.57
N ASP A 1760 -5.07 11.78 0.45
CA ASP A 1760 -6.01 10.68 0.33
C ASP A 1760 -7.43 11.20 0.52
N TYR A 1761 -7.62 12.13 1.45
CA TYR A 1761 -8.95 12.71 1.59
C TYR A 1761 -9.31 13.54 0.36
N LEU A 1762 -8.36 14.32 -0.16
CA LEU A 1762 -8.67 15.13 -1.33
C LEU A 1762 -9.06 14.28 -2.53
N ILE A 1763 -8.31 13.20 -2.79
CA ILE A 1763 -8.63 12.37 -3.95
C ILE A 1763 -9.96 11.64 -3.75
N THR A 1764 -10.23 11.14 -2.54
CA THR A 1764 -11.52 10.45 -2.33
C THR A 1764 -12.68 11.42 -2.44
N LYS A 1765 -12.52 12.64 -1.93
CA LYS A 1765 -13.57 13.64 -2.07
C LYS A 1765 -13.84 13.94 -3.52
N HIS A 1766 -12.78 14.13 -4.33
CA HIS A 1766 -13.01 14.41 -5.75
C HIS A 1766 -13.70 13.24 -6.44
N LEU A 1767 -13.31 12.01 -6.13
CA LEU A 1767 -13.97 10.88 -6.79
C LEU A 1767 -15.42 10.75 -6.35
N TYR A 1768 -15.74 11.14 -5.12
CA TYR A 1768 -17.11 11.01 -4.64
C TYR A 1768 -18.03 12.00 -5.34
N GLU A 1769 -17.64 13.26 -5.39
CA GLU A 1769 -18.47 14.30 -6.01
C GLU A 1769 -18.31 14.37 -7.52
N ASP A 1770 -18.32 13.24 -8.22
CA ASP A 1770 -18.18 13.18 -9.66
C ASP A 1770 -19.53 12.87 -10.28
N PRO A 1771 -19.98 13.61 -11.30
CA PRO A 1771 -21.31 13.32 -11.87
C PRO A 1771 -21.48 11.91 -12.40
N ARG A 1772 -20.40 11.21 -12.76
CA ARG A 1772 -20.52 9.87 -13.30
C ARG A 1772 -21.05 8.85 -12.28
N GLN A 1773 -21.08 9.20 -10.99
CA GLN A 1773 -21.62 8.33 -9.95
C GLN A 1773 -21.04 6.92 -10.03
N HIS A 1774 -19.73 6.83 -9.81
CA HIS A 1774 -19.08 5.53 -9.89
C HIS A 1774 -19.60 4.62 -8.79
N SER A 1775 -19.54 3.32 -9.05
CA SER A 1775 -19.97 2.32 -8.10
C SER A 1775 -18.89 2.11 -7.04
N PRO A 1776 -19.24 1.50 -5.91
CA PRO A 1776 -18.22 1.23 -4.87
C PRO A 1776 -16.95 0.56 -5.36
N GLY A 1777 -17.07 -0.46 -6.22
CA GLY A 1777 -15.87 -1.11 -6.73
C GLY A 1777 -14.95 -0.16 -7.46
N VAL A 1778 -15.52 0.63 -8.36
CA VAL A 1778 -14.74 1.62 -9.10
C VAL A 1778 -14.07 2.60 -8.15
N LEU A 1779 -14.80 3.05 -7.12
CA LEU A 1779 -14.22 3.99 -6.16
C LEU A 1779 -13.03 3.37 -5.44
N THR A 1780 -13.18 2.15 -4.94
CA THR A 1780 -12.07 1.50 -4.26
C THR A 1780 -10.87 1.33 -5.19
N ASP A 1781 -11.12 0.93 -6.44
CA ASP A 1781 -10.03 0.71 -7.38
C ASP A 1781 -9.29 2.00 -7.70
N LEU A 1782 -10.04 3.06 -8.01
CA LEU A 1782 -9.39 4.35 -8.27
C LEU A 1782 -8.65 4.86 -7.04
N ARG A 1783 -9.22 4.65 -5.86
CA ARG A 1783 -8.54 5.09 -4.65
C ARG A 1783 -7.20 4.39 -4.47
N SER A 1784 -7.19 3.07 -4.67
CA SER A 1784 -5.92 2.35 -4.55
C SER A 1784 -4.95 2.72 -5.67
N ALA A 1785 -5.47 3.09 -6.84
CA ALA A 1785 -4.59 3.42 -7.96
C ALA A 1785 -3.96 4.81 -7.83
N LEU A 1786 -4.70 5.79 -7.34
CA LEU A 1786 -4.16 7.15 -7.21
C LEU A 1786 -3.43 7.41 -5.90
N VAL A 1787 -3.65 6.60 -4.87
CA VAL A 1787 -3.01 6.79 -3.57
C VAL A 1787 -1.80 5.85 -3.42
N ASN A 1788 -1.21 5.41 -4.54
CA ASN A 1788 -0.07 4.51 -4.51
C ASN A 1788 1.24 5.29 -4.54
N ASN A 1789 2.22 4.82 -3.77
CA ASN A 1789 3.54 5.48 -3.72
C ASN A 1789 4.21 5.51 -5.09
N THR A 1790 4.06 4.43 -5.88
CA THR A 1790 4.67 4.40 -7.20
C THR A 1790 4.17 5.54 -8.08
N ILE A 1791 2.86 5.81 -8.09
CA ILE A 1791 2.33 6.91 -8.87
C ILE A 1791 2.87 8.24 -8.37
N PHE A 1792 2.95 8.39 -7.05
CA PHE A 1792 3.51 9.60 -6.47
C PHE A 1792 4.94 9.83 -6.95
N ALA A 1793 5.75 8.78 -6.97
CA ALA A 1793 7.12 8.90 -7.44
C ALA A 1793 7.18 9.25 -8.93
N SER A 1794 6.33 8.61 -9.74
CA SER A 1794 6.27 8.95 -11.16
C SER A 1794 5.97 10.44 -11.37
N LEU A 1795 5.02 10.98 -10.61
CA LEU A 1795 4.70 12.40 -10.77
C LEU A 1795 5.81 13.28 -10.22
N ALA A 1796 6.40 12.91 -9.08
CA ALA A 1796 7.52 13.67 -8.53
C ALA A 1796 8.64 13.80 -9.54
N VAL A 1797 9.01 12.70 -10.17
CA VAL A 1797 10.07 12.74 -11.19
C VAL A 1797 9.63 13.53 -12.41
N LYS A 1798 8.33 13.53 -12.72
CA LYS A 1798 7.90 14.21 -13.93
C LYS A 1798 7.98 15.73 -13.76
N TYR A 1799 7.57 16.26 -12.61
CA TYR A 1799 7.57 17.69 -12.35
C TYR A 1799 8.88 18.21 -11.74
N ASP A 1800 10.00 17.51 -11.96
CA ASP A 1800 11.33 17.97 -11.55
C ASP A 1800 11.54 18.08 -10.05
N TYR A 1801 10.80 17.34 -9.22
CA TYR A 1801 11.03 17.40 -7.78
C TYR A 1801 12.41 16.88 -7.41
N HIS A 1802 12.90 15.85 -8.11
CA HIS A 1802 14.21 15.27 -7.80
C HIS A 1802 15.33 16.30 -7.85
N LYS A 1803 15.19 17.35 -8.67
CA LYS A 1803 16.25 18.34 -8.80
C LYS A 1803 16.54 19.08 -7.50
N TYR A 1804 15.57 19.14 -6.60
CA TYR A 1804 15.66 19.95 -5.39
C TYR A 1804 15.72 19.13 -4.11
N PHE A 1805 15.62 17.81 -4.21
CA PHE A 1805 15.76 16.94 -3.05
C PHE A 1805 17.16 17.07 -2.50
N LYS A 1806 17.35 16.72 -1.22
CA LYS A 1806 18.66 16.89 -0.61
C LYS A 1806 18.92 15.78 0.40
N ALA A 1807 19.83 14.88 0.04
CA ALA A 1807 20.22 13.74 0.84
C ALA A 1807 21.66 13.40 0.49
N VAL A 1808 22.36 12.73 1.40
CA VAL A 1808 23.76 12.38 1.23
C VAL A 1808 23.96 10.88 1.02
N SER A 1809 22.91 10.10 1.02
CA SER A 1809 23.08 8.67 0.84
C SER A 1809 23.45 8.37 -0.61
N PRO A 1810 24.60 7.73 -0.87
CA PRO A 1810 24.94 7.43 -2.28
C PRO A 1810 23.99 6.44 -2.94
N GLU A 1811 23.56 5.41 -2.21
CA GLU A 1811 22.68 4.41 -2.82
C GLU A 1811 21.40 5.07 -3.32
N LEU A 1812 20.81 5.91 -2.47
CA LEU A 1812 19.59 6.62 -2.86
C LEU A 1812 19.84 7.42 -4.13
N PHE A 1813 21.00 8.08 -4.22
CA PHE A 1813 21.37 8.82 -5.41
C PHE A 1813 21.33 7.93 -6.65
N HIS A 1814 21.96 6.75 -6.57
CA HIS A 1814 21.99 5.86 -7.73
C HIS A 1814 20.58 5.39 -8.12
N VAL A 1815 19.76 5.06 -7.12
CA VAL A 1815 18.40 4.62 -7.40
C VAL A 1815 17.62 5.73 -8.07
N ILE A 1816 17.75 6.96 -7.57
CA ILE A 1816 17.05 8.09 -8.19
C ILE A 1816 17.54 8.29 -9.62
N ASP A 1817 18.85 8.16 -9.86
CA ASP A 1817 19.36 8.18 -11.24
C ASP A 1817 18.67 7.18 -12.17
N ASP A 1818 18.59 5.90 -11.74
CA ASP A 1818 17.90 4.92 -12.56
C ASP A 1818 16.45 5.32 -12.81
N PHE A 1819 15.71 5.61 -11.75
CA PHE A 1819 14.30 5.95 -11.90
C PHE A 1819 14.07 7.20 -12.76
N VAL A 1820 14.89 8.23 -12.60
CA VAL A 1820 14.69 9.43 -13.41
C VAL A 1820 14.95 9.13 -14.88
N LYS A 1821 16.06 8.46 -15.18
CA LYS A 1821 16.32 8.11 -16.56
C LYS A 1821 15.17 7.30 -17.15
N PHE A 1822 14.67 6.33 -16.39
CA PHE A 1822 13.56 5.50 -16.84
C PHE A 1822 12.34 6.36 -17.16
N GLN A 1823 11.99 7.31 -16.29
CA GLN A 1823 10.85 8.18 -16.54
C GLN A 1823 11.09 9.12 -17.72
N LEU A 1824 12.34 9.49 -18.01
CA LEU A 1824 12.59 10.32 -19.18
C LEU A 1824 12.36 9.55 -20.48
N GLU A 1825 12.84 8.31 -20.53
CA GLU A 1825 12.64 7.49 -21.74
C GLU A 1825 11.15 7.26 -22.02
N LYS A 1826 10.36 7.04 -20.98
CA LYS A 1826 8.92 6.83 -21.16
C LYS A 1826 8.16 8.14 -21.10
N ILE A 1849 14.65 -1.21 -11.63
CA ILE A 1849 13.29 -0.69 -11.73
C ILE A 1849 12.73 -0.29 -10.37
N GLU A 1850 13.55 -0.42 -9.32
CA GLU A 1850 13.09 -0.11 -7.96
C GLU A 1850 12.69 1.35 -7.86
N VAL A 1851 11.46 1.59 -7.42
CA VAL A 1851 10.95 2.96 -7.26
C VAL A 1851 11.46 3.50 -5.92
N PRO A 1852 12.14 4.65 -5.89
CA PRO A 1852 12.62 5.17 -4.60
C PRO A 1852 11.47 5.78 -3.81
N LYS A 1853 11.17 5.19 -2.65
CA LYS A 1853 10.10 5.67 -1.80
C LYS A 1853 10.24 7.16 -1.49
N ALA A 1854 11.48 7.61 -1.30
CA ALA A 1854 11.75 9.01 -0.97
C ALA A 1854 11.08 10.01 -1.89
N MET A 1855 10.94 9.71 -3.18
CA MET A 1855 10.33 10.70 -4.07
C MET A 1855 8.84 10.86 -3.79
N GLY A 1856 8.12 9.75 -3.58
CA GLY A 1856 6.72 9.86 -3.22
C GLY A 1856 6.56 10.46 -1.85
N ASP A 1857 7.50 10.16 -0.95
CA ASP A 1857 7.48 10.74 0.38
C ASP A 1857 7.62 12.26 0.33
N ILE A 1858 8.54 12.77 -0.50
CA ILE A 1858 8.66 14.22 -0.60
C ILE A 1858 7.42 14.81 -1.27
N PHE A 1859 6.80 14.09 -2.21
CA PHE A 1859 5.56 14.57 -2.79
C PHE A 1859 4.51 14.81 -1.70
N ALA A 1860 4.30 13.79 -0.86
CA ALA A 1860 3.36 13.94 0.24
C ALA A 1860 3.79 15.02 1.21
N SER A 1861 5.09 15.10 1.53
CA SER A 1861 5.57 16.08 2.49
C SER A 1861 5.33 17.49 2.00
N LEU A 1862 5.58 17.73 0.71
CA LEU A 1862 5.30 19.06 0.15
C LEU A 1862 3.82 19.36 0.19
N ALA A 1863 2.96 18.34 0.03
CA ALA A 1863 1.53 18.59 0.19
C ALA A 1863 1.22 19.03 1.62
N GLY A 1864 1.76 18.31 2.60
CA GLY A 1864 1.60 18.71 3.99
C GLY A 1864 2.15 20.10 4.27
N ALA A 1865 3.27 20.45 3.63
CA ALA A 1865 3.86 21.78 3.81
C ALA A 1865 2.97 22.86 3.24
N ILE A 1866 2.35 22.61 2.08
CA ILE A 1866 1.42 23.57 1.52
C ILE A 1866 0.17 23.67 2.39
N TYR A 1867 -0.13 22.61 3.15
CA TYR A 1867 -1.28 22.67 4.05
C TYR A 1867 -0.96 23.44 5.32
N MET A 1868 0.26 23.30 5.82
CA MET A 1868 0.65 23.97 7.06
C MET A 1868 1.02 25.43 6.84
N ASP A 1869 1.54 25.78 5.66
CA ASP A 1869 1.93 27.14 5.35
C ASP A 1869 0.79 28.02 4.85
N SER A 1870 -0.38 27.43 4.59
CA SER A 1870 -1.53 28.18 4.08
C SER A 1870 -2.58 28.37 5.18
N GLY A 1871 -2.15 28.43 6.43
CA GLY A 1871 -3.04 28.60 7.55
C GLY A 1871 -4.09 27.51 7.67
N MET A 1872 -3.65 26.26 7.53
CA MET A 1872 -4.54 25.10 7.67
C MET A 1872 -5.71 25.18 6.68
N SER A 1873 -5.38 25.12 5.39
CA SER A 1873 -6.38 25.12 4.32
C SER A 1873 -6.13 23.96 3.37
N LEU A 1874 -7.22 23.37 2.89
CA LEU A 1874 -7.19 22.25 1.95
C LEU A 1874 -7.30 22.71 0.50
N GLU A 1875 -8.10 23.75 0.25
CA GLU A 1875 -8.27 24.26 -1.10
C GLU A 1875 -6.93 24.63 -1.73
N VAL A 1876 -5.99 25.16 -0.93
CA VAL A 1876 -4.69 25.54 -1.48
C VAL A 1876 -3.95 24.30 -1.99
N VAL A 1877 -3.97 23.23 -1.20
CA VAL A 1877 -3.34 21.99 -1.62
C VAL A 1877 -4.00 21.47 -2.88
N TRP A 1878 -5.34 21.49 -2.94
CA TRP A 1878 -5.97 20.93 -4.12
C TRP A 1878 -5.87 21.83 -5.35
N GLN A 1879 -5.48 23.10 -5.21
CA GLN A 1879 -5.26 23.93 -6.38
C GLN A 1879 -3.79 23.92 -6.80
N VAL A 1880 -2.92 23.36 -5.96
CA VAL A 1880 -1.52 23.18 -6.34
C VAL A 1880 -1.28 21.75 -6.83
N TYR A 1881 -2.17 20.80 -6.48
CA TYR A 1881 -2.02 19.41 -6.88
C TYR A 1881 -3.05 18.91 -7.88
N TYR A 1882 -4.15 19.63 -8.13
CA TYR A 1882 -5.10 19.16 -9.13
C TYR A 1882 -4.55 19.33 -10.54
N PRO A 1883 -3.86 20.43 -10.88
CA PRO A 1883 -3.26 20.53 -12.22
C PRO A 1883 -2.22 19.46 -12.53
N MET A 1884 -1.76 18.70 -11.54
CA MET A 1884 -0.80 17.63 -11.76
C MET A 1884 -1.46 16.26 -11.84
N MET A 1885 -2.36 15.96 -10.92
CA MET A 1885 -3.02 14.67 -10.90
C MET A 1885 -4.17 14.57 -11.90
N GLN A 1886 -4.64 15.70 -12.45
CA GLN A 1886 -5.75 15.72 -13.41
C GLN A 1886 -5.64 14.66 -14.50
N PRO A 1887 -4.58 14.64 -15.33
CA PRO A 1887 -4.50 13.62 -16.38
C PRO A 1887 -4.63 12.19 -15.88
N LEU A 1888 -3.99 11.84 -14.77
CA LEU A 1888 -4.06 10.49 -14.24
C LEU A 1888 -5.49 10.10 -13.89
N ILE A 1889 -6.20 10.96 -13.15
CA ILE A 1889 -7.59 10.65 -12.81
C ILE A 1889 -8.45 10.57 -14.05
N GLU A 1890 -8.23 11.48 -15.02
CA GLU A 1890 -9.01 11.41 -16.25
C GLU A 1890 -8.82 10.08 -16.97
N LYS A 1891 -7.57 9.63 -17.12
CA LYS A 1891 -7.32 8.35 -17.77
C LYS A 1891 -7.94 7.21 -16.99
N PHE A 1892 -7.68 7.15 -15.68
CA PHE A 1892 -8.16 6.02 -14.90
C PHE A 1892 -9.68 6.02 -14.76
N SER A 1893 -10.33 7.17 -14.94
CA SER A 1893 -11.78 7.22 -14.91
C SER A 1893 -12.36 6.85 -16.26
N ALA A 1894 -11.58 7.04 -17.33
CA ALA A 1894 -12.01 6.56 -18.64
C ALA A 1894 -11.78 5.06 -18.79
N ASN A 1895 -10.83 4.50 -18.04
CA ASN A 1895 -10.52 3.07 -18.09
C ASN A 1895 -10.06 2.65 -16.69
N VAL A 1896 -11.01 2.23 -15.86
CA VAL A 1896 -10.71 1.85 -14.49
C VAL A 1896 -9.82 0.61 -14.50
N PRO A 1897 -8.65 0.62 -13.87
CA PRO A 1897 -7.81 -0.59 -13.84
C PRO A 1897 -8.27 -1.55 -12.75
N ARG A 1898 -8.75 -2.73 -13.18
CA ARG A 1898 -9.21 -3.72 -12.22
C ARG A 1898 -8.10 -4.08 -11.24
N SER A 1899 -8.48 -4.26 -9.98
CA SER A 1899 -7.51 -4.63 -8.95
C SER A 1899 -6.92 -5.99 -9.28
N PRO A 1900 -5.58 -6.17 -9.21
CA PRO A 1900 -5.02 -7.49 -9.56
C PRO A 1900 -5.48 -8.60 -8.64
N VAL A 1901 -5.68 -8.31 -7.34
CA VAL A 1901 -6.14 -9.35 -6.43
C VAL A 1901 -7.57 -9.74 -6.76
N ARG A 1902 -8.45 -8.75 -6.91
CA ARG A 1902 -9.84 -9.05 -7.26
C ARG A 1902 -9.94 -9.70 -8.63
N GLU A 1903 -9.12 -9.26 -9.59
CA GLU A 1903 -9.15 -9.85 -10.91
C GLU A 1903 -8.76 -11.32 -10.87
N LEU A 1904 -7.69 -11.66 -10.13
CA LEU A 1904 -7.30 -13.06 -10.01
C LEU A 1904 -8.35 -13.86 -9.26
N LEU A 1905 -8.93 -13.30 -8.20
CA LEU A 1905 -9.99 -14.00 -7.48
C LEU A 1905 -11.23 -14.18 -8.35
N GLU A 1906 -11.48 -13.25 -9.28
CA GLU A 1906 -12.61 -13.40 -10.19
C GLU A 1906 -12.27 -14.30 -11.37
N MET A 1907 -11.00 -14.31 -11.80
CA MET A 1907 -10.58 -15.16 -12.89
C MET A 1907 -10.43 -16.62 -12.46
N GLU A 1908 -9.99 -16.86 -11.22
CA GLU A 1908 -9.75 -18.21 -10.73
C GLU A 1908 -10.26 -18.33 -9.29
N PRO A 1909 -11.55 -18.09 -9.06
CA PRO A 1909 -12.08 -18.16 -7.69
C PRO A 1909 -11.91 -19.53 -7.03
N GLU A 1910 -12.02 -20.62 -7.79
CA GLU A 1910 -11.92 -21.96 -7.23
C GLU A 1910 -10.49 -22.50 -7.18
N THR A 1911 -9.66 -22.20 -8.18
CA THR A 1911 -8.33 -22.76 -8.24
C THR A 1911 -7.27 -21.91 -7.57
N ALA A 1912 -7.43 -20.58 -7.58
CA ALA A 1912 -6.45 -19.69 -6.97
C ALA A 1912 -6.75 -19.55 -5.49
N LYS A 1913 -5.77 -19.91 -4.64
CA LYS A 1913 -5.89 -19.81 -3.20
C LYS A 1913 -4.63 -19.16 -2.65
N PHE A 1914 -4.80 -18.30 -1.66
CA PHE A 1914 -3.69 -17.57 -1.05
C PHE A 1914 -3.39 -18.14 0.34
N SER A 1915 -2.11 -18.31 0.62
CA SER A 1915 -1.66 -18.78 1.92
C SER A 1915 -1.77 -17.67 2.96
N PRO A 1916 -1.80 -18.02 4.25
CA PRO A 1916 -1.74 -16.97 5.28
C PRO A 1916 -0.40 -16.24 5.24
N ALA A 1917 -0.36 -15.11 5.94
CA ALA A 1917 0.86 -14.32 5.99
C ALA A 1917 2.01 -15.13 6.57
N GLU A 1918 3.15 -15.11 5.86
CA GLU A 1918 4.36 -15.82 6.27
C GLU A 1918 5.44 -14.79 6.56
N ARG A 1919 5.81 -14.64 7.83
CA ARG A 1919 6.84 -13.69 8.22
C ARG A 1919 8.21 -14.25 7.86
N THR A 1920 9.00 -13.45 7.15
CA THR A 1920 10.35 -13.83 6.76
C THR A 1920 11.35 -13.50 7.86
N TYR A 1921 12.51 -14.16 7.80
CA TYR A 1921 13.53 -13.98 8.83
C TYR A 1921 14.02 -12.53 8.89
N ASP A 1922 14.02 -11.83 7.75
CA ASP A 1922 14.45 -10.44 7.71
C ASP A 1922 13.38 -9.46 8.15
N GLY A 1923 12.20 -9.95 8.57
CA GLY A 1923 11.12 -9.10 9.03
C GLY A 1923 10.11 -8.71 7.98
N LYS A 1924 10.31 -9.09 6.72
CA LYS A 1924 9.33 -8.80 5.68
C LYS A 1924 8.19 -9.80 5.77
N VAL A 1925 7.22 -9.67 4.87
CA VAL A 1925 6.05 -10.53 4.83
C VAL A 1925 6.03 -11.23 3.46
N ARG A 1926 6.00 -12.56 3.49
CA ARG A 1926 5.88 -13.37 2.28
C ARG A 1926 4.45 -13.88 2.16
N VAL A 1927 3.98 -13.98 0.93
CA VAL A 1927 2.65 -14.52 0.63
C VAL A 1927 2.79 -15.48 -0.54
N THR A 1928 2.15 -16.65 -0.41
CA THR A 1928 2.14 -17.68 -1.44
C THR A 1928 0.73 -17.82 -1.99
N VAL A 1929 0.63 -17.91 -3.32
CA VAL A 1929 -0.63 -18.15 -4.01
C VAL A 1929 -0.46 -19.40 -4.86
N GLU A 1930 -1.40 -20.34 -4.70
CA GLU A 1930 -1.38 -21.61 -5.42
C GLU A 1930 -2.53 -21.64 -6.40
N VAL A 1931 -2.20 -21.76 -7.69
CA VAL A 1931 -3.20 -21.90 -8.75
C VAL A 1931 -3.21 -23.38 -9.10
N VAL A 1932 -4.13 -24.11 -8.49
CA VAL A 1932 -4.26 -25.56 -8.62
C VAL A 1932 -4.25 -25.97 -10.08
N GLY A 1933 -3.32 -26.85 -10.44
CA GLY A 1933 -3.18 -27.33 -11.80
C GLY A 1933 -2.47 -26.41 -12.77
N LYS A 1934 -2.02 -25.24 -12.33
CA LYS A 1934 -1.36 -24.29 -13.22
C LYS A 1934 0.01 -23.87 -12.70
N GLY A 1935 0.20 -23.87 -11.39
CA GLY A 1935 1.48 -23.55 -10.81
C GLY A 1935 1.33 -22.84 -9.48
N LYS A 1936 2.48 -22.46 -8.92
CA LYS A 1936 2.57 -21.76 -7.65
C LYS A 1936 3.40 -20.50 -7.82
N PHE A 1937 2.98 -19.42 -7.15
CA PHE A 1937 3.65 -18.14 -7.23
C PHE A 1937 3.77 -17.56 -5.84
N LYS A 1938 4.85 -16.81 -5.60
CA LYS A 1938 5.15 -16.23 -4.30
C LYS A 1938 5.47 -14.75 -4.46
N GLY A 1939 5.13 -13.98 -3.42
CA GLY A 1939 5.43 -12.56 -3.41
C GLY A 1939 5.91 -12.13 -2.03
N VAL A 1940 6.66 -11.03 -2.01
CA VAL A 1940 7.21 -10.47 -0.78
C VAL A 1940 6.97 -8.96 -0.80
N GLY A 1941 6.63 -8.42 0.36
CA GLY A 1941 6.42 -6.99 0.49
C GLY A 1941 6.45 -6.59 1.95
N ARG A 1942 6.37 -5.27 2.18
CA ARG A 1942 6.34 -4.75 3.53
C ARG A 1942 5.05 -5.07 4.28
N SER A 1943 4.00 -5.49 3.57
CA SER A 1943 2.72 -5.79 4.21
C SER A 1943 2.04 -6.92 3.45
N TYR A 1944 1.09 -7.57 4.13
CA TYR A 1944 0.34 -8.65 3.50
C TYR A 1944 -0.38 -8.18 2.25
N ARG A 1945 -1.03 -7.01 2.33
CA ARG A 1945 -1.76 -6.49 1.17
C ARG A 1945 -0.83 -6.24 -0.02
N ILE A 1946 0.34 -5.65 0.24
CA ILE A 1946 1.28 -5.38 -0.83
C ILE A 1946 1.85 -6.69 -1.38
N ALA A 1947 2.24 -7.60 -0.49
CA ALA A 1947 2.75 -8.89 -0.93
C ALA A 1947 1.69 -9.68 -1.69
N LYS A 1948 0.45 -9.64 -1.20
CA LYS A 1948 -0.64 -10.33 -1.90
C LYS A 1948 -0.85 -9.75 -3.29
N SER A 1949 -0.80 -8.42 -3.42
CA SER A 1949 -0.94 -7.79 -4.73
C SER A 1949 0.19 -8.22 -5.67
N ALA A 1950 1.42 -8.27 -5.16
CA ALA A 1950 2.55 -8.70 -5.98
C ALA A 1950 2.38 -10.16 -6.41
N ALA A 1951 1.98 -11.02 -5.47
CA ALA A 1951 1.75 -12.42 -5.81
C ALA A 1951 0.64 -12.57 -6.85
N ALA A 1952 -0.45 -11.81 -6.69
CA ALA A 1952 -1.54 -11.88 -7.65
C ALA A 1952 -1.11 -11.38 -9.02
N ARG A 1953 -0.34 -10.29 -9.07
CA ARG A 1953 0.14 -9.78 -10.35
C ARG A 1953 1.04 -10.80 -11.05
N ARG A 1954 1.93 -11.45 -10.30
CA ARG A 1954 2.80 -12.45 -10.87
C ARG A 1954 2.00 -13.62 -11.44
N ALA A 1955 0.98 -14.08 -10.71
CA ALA A 1955 0.13 -15.16 -11.20
C ALA A 1955 -0.62 -14.73 -12.46
N LEU A 1956 -1.25 -13.56 -12.43
CA LEU A 1956 -2.00 -13.09 -13.58
C LEU A 1956 -1.10 -12.95 -14.81
N ARG A 1957 0.08 -12.38 -14.64
CA ARG A 1957 1.00 -12.24 -15.78
C ARG A 1957 1.39 -13.61 -16.32
N SER A 1958 1.63 -14.58 -15.43
CA SER A 1958 1.93 -15.94 -15.88
C SER A 1958 0.73 -16.56 -16.56
N LEU A 1959 -0.45 -16.49 -15.93
CA LEU A 1959 -1.66 -17.05 -16.50
C LEU A 1959 -1.98 -16.41 -17.84
N LYS A 1960 -1.91 -15.08 -17.91
CA LYS A 1960 -2.19 -14.39 -19.17
C LYS A 1960 -1.14 -14.73 -20.23
N ALA A 1961 0.11 -14.97 -19.83
CA ALA A 1961 1.12 -15.37 -20.80
C ALA A 1961 0.94 -16.81 -21.24
N ASN A 1962 0.46 -17.68 -20.35
CA ASN A 1962 0.23 -19.07 -20.72
C ASN A 1962 -1.01 -19.23 -21.59
N GLN A 1963 -2.05 -18.47 -21.27
CA GLN A 1963 -3.29 -18.51 -22.06
C GLN A 1963 -3.04 -18.06 -23.49
#